data_3ZXD
#
_entry.id   3ZXD
#
_cell.length_a   58.910
_cell.length_b   85.560
_cell.length_c   108.810
_cell.angle_alpha   98.88
_cell.angle_beta   96.84
_cell.angle_gamma   90.04
#
_symmetry.space_group_name_H-M   'P 1'
#
loop_
_entity.id
_entity.type
_entity.pdbx_description
1 polymer LYSENIN
2 non-polymer GLYCEROL
3 non-polymer 'SULFATE ION'
4 non-polymer 'SODIUM ION'
5 non-polymer 'CHLORIDE ION'
6 non-polymer 'MAGNESIUM ION'
7 non-polymer '2-(N-MORPHOLINO)-ETHANESULFONIC ACID'
8 water water
#
_entity_poly.entity_id   1
_entity_poly.type   'polypeptide(L)'
_entity_poly.pdbx_seq_one_letter_code
;SAKAAEGYEQIEVDVVAVWKEGYVYENRGSTSVDQKITITKGMKNVNSETRTVTATHSIGSTISTGDAFEIGSVEVSYSH
SHEESQVSMTETEVYESKVIEHTITIPPTSKFTRWQLNADVGGADIEYMYLIDEVTPIGGTQSIPQVITSRAKIIVGRQI
ILGKTEIRIKHAERKEYMTVVSRKSWPAATLGHSKLFKFVLYEDWGGFRIKTLNTMYSGYEYAYSSDQGGIYFDQGTDNP
KQRWAINKSLPLRHGDVVTFMNKYFTRSGLCYDDGPATNVYCLDKREDKWILEVVGLVPRGSGHHHHHH
;
_entity_poly.pdbx_strand_id   A,B,C,D
#
loop_
_chem_comp.id
_chem_comp.type
_chem_comp.name
_chem_comp.formula
CL non-polymer 'CHLORIDE ION' 'Cl -1'
GOL non-polymer GLYCEROL 'C3 H8 O3'
MES non-polymer '2-(N-MORPHOLINO)-ETHANESULFONIC ACID' 'C6 H13 N O4 S'
MG non-polymer 'MAGNESIUM ION' 'Mg 2'
NA non-polymer 'SODIUM ION' 'Na 1'
SO4 non-polymer 'SULFATE ION' 'O4 S -2'
#
# COMPACT_ATOMS: atom_id res chain seq x y z
N ALA A 5 -26.46 -0.41 1.52
CA ALA A 5 -26.24 -1.82 1.18
C ALA A 5 -25.29 -2.50 2.18
N GLU A 6 -25.86 -3.30 3.10
CA GLU A 6 -25.09 -4.06 4.10
C GLU A 6 -24.64 -5.41 3.52
N GLY A 7 -23.33 -5.57 3.33
CA GLY A 7 -22.73 -6.80 2.82
C GLY A 7 -21.65 -6.55 1.79
N TYR A 8 -22.09 -6.08 0.62
CA TYR A 8 -21.29 -5.79 -0.56
C TYR A 8 -21.54 -4.33 -1.01
N GLU A 9 -20.68 -3.82 -1.92
CA GLU A 9 -20.68 -2.43 -2.43
C GLU A 9 -20.53 -2.37 -3.97
N GLN A 10 -21.29 -1.48 -4.66
CA GLN A 10 -21.17 -1.29 -6.12
C GLN A 10 -20.17 -0.16 -6.43
N ILE A 11 -19.32 -0.36 -7.46
CA ILE A 11 -18.34 0.64 -7.88
C ILE A 11 -18.29 0.71 -9.40
N GLU A 12 -18.38 1.93 -9.97
CA GLU A 12 -18.21 2.12 -11.41
C GLU A 12 -16.73 2.20 -11.68
N VAL A 13 -16.22 1.34 -12.56
CA VAL A 13 -14.79 1.28 -12.83
C VAL A 13 -14.56 1.27 -14.34
N ASP A 14 -13.45 1.90 -14.78
CA ASP A 14 -13.09 1.99 -16.19
C ASP A 14 -12.55 0.64 -16.67
N VAL A 15 -13.18 0.11 -17.72
CA VAL A 15 -12.93 -1.20 -18.32
C VAL A 15 -12.42 -0.95 -19.74
N VAL A 16 -11.72 -1.93 -20.32
CA VAL A 16 -11.23 -1.80 -21.70
C VAL A 16 -12.20 -2.50 -22.65
N ALA A 17 -12.52 -1.86 -23.78
CA ALA A 17 -13.39 -2.44 -24.80
C ALA A 17 -12.75 -2.27 -26.17
N VAL A 18 -13.20 -3.05 -27.17
CA VAL A 18 -12.58 -3.02 -28.50
C VAL A 18 -13.55 -3.42 -29.61
N TRP A 19 -13.36 -2.83 -30.81
CA TRP A 19 -14.13 -3.13 -32.02
C TRP A 19 -13.32 -4.08 -32.90
N LYS A 20 -13.66 -5.37 -32.89
CA LYS A 20 -13.00 -6.43 -33.64
C LYS A 20 -13.70 -6.53 -34.99
N GLU A 21 -13.12 -7.28 -35.93
CA GLU A 21 -13.72 -7.56 -37.24
C GLU A 21 -14.36 -8.95 -37.09
N GLY A 22 -15.59 -8.97 -36.58
CA GLY A 22 -16.32 -10.19 -36.24
C GLY A 22 -16.45 -11.25 -37.33
N TYR A 23 -16.62 -10.80 -38.56
CA TYR A 23 -16.76 -11.70 -39.71
C TYR A 23 -16.54 -10.87 -40.96
N VAL A 24 -15.92 -11.49 -41.96
CA VAL A 24 -15.69 -10.86 -43.25
C VAL A 24 -15.90 -11.87 -44.35
N TYR A 25 -16.57 -11.44 -45.41
CA TYR A 25 -16.73 -12.22 -46.62
C TYR A 25 -16.55 -11.28 -47.79
N GLU A 26 -15.82 -11.71 -48.82
CA GLU A 26 -15.56 -10.90 -50.00
C GLU A 26 -16.10 -11.61 -51.24
N ASN A 27 -17.18 -11.04 -51.81
CA ASN A 27 -17.84 -11.58 -53.00
C ASN A 27 -17.25 -10.93 -54.24
N ARG A 28 -16.16 -11.53 -54.77
CA ARG A 28 -15.49 -11.05 -55.98
C ARG A 28 -16.24 -11.48 -57.27
N GLY A 29 -17.32 -12.26 -57.16
CA GLY A 29 -18.10 -12.73 -58.29
C GLY A 29 -19.08 -11.73 -58.85
N SER A 30 -19.76 -12.12 -59.95
CA SER A 30 -20.75 -11.29 -60.63
C SER A 30 -22.20 -11.63 -60.21
N THR A 31 -22.36 -12.59 -59.28
CA THR A 31 -23.66 -13.00 -58.73
C THR A 31 -23.66 -12.81 -57.22
N SER A 32 -24.83 -12.53 -56.62
CA SER A 32 -24.96 -12.34 -55.19
C SER A 32 -24.83 -13.68 -54.45
N VAL A 33 -24.31 -13.65 -53.20
CA VAL A 33 -24.10 -14.86 -52.39
C VAL A 33 -24.84 -14.76 -51.06
N ASP A 34 -25.46 -15.89 -50.63
CA ASP A 34 -26.16 -16.02 -49.34
C ASP A 34 -25.22 -16.67 -48.33
N GLN A 35 -25.16 -16.14 -47.10
CA GLN A 35 -24.28 -16.68 -46.05
C GLN A 35 -25.00 -16.69 -44.71
N LYS A 36 -25.00 -17.84 -43.99
CA LYS A 36 -25.66 -17.96 -42.68
C LYS A 36 -24.64 -17.71 -41.56
N ILE A 37 -24.50 -16.43 -41.17
CA ILE A 37 -23.57 -16.00 -40.13
C ILE A 37 -24.23 -16.16 -38.76
N THR A 38 -23.50 -16.80 -37.82
CA THR A 38 -23.99 -17.06 -36.46
C THR A 38 -22.98 -16.49 -35.48
N ILE A 39 -23.49 -15.82 -34.44
CA ILE A 39 -22.69 -15.17 -33.40
C ILE A 39 -23.21 -15.59 -32.04
N THR A 40 -22.43 -15.30 -30.99
CA THR A 40 -22.79 -15.63 -29.62
C THR A 40 -22.61 -14.39 -28.74
N LYS A 41 -23.73 -13.78 -28.33
CA LYS A 41 -23.73 -12.60 -27.45
C LYS A 41 -23.57 -13.07 -26.00
N GLY A 42 -22.99 -12.21 -25.16
CA GLY A 42 -22.78 -12.52 -23.74
C GLY A 42 -21.38 -12.98 -23.38
N MET A 43 -21.15 -13.12 -22.06
CA MET A 43 -19.88 -13.51 -21.47
C MET A 43 -19.44 -14.92 -21.91
N LYS A 44 -18.15 -15.07 -22.26
CA LYS A 44 -17.58 -16.36 -22.70
C LYS A 44 -17.30 -17.25 -21.50
N ASN A 45 -17.55 -18.58 -21.66
CA ASN A 45 -17.32 -19.61 -20.64
C ASN A 45 -17.91 -19.17 -19.28
N VAL A 46 -19.15 -18.67 -19.33
CA VAL A 46 -19.87 -18.18 -18.14
C VAL A 46 -20.34 -19.36 -17.28
N ASN A 47 -20.25 -19.19 -15.94
CA ASN A 47 -20.67 -20.21 -14.99
C ASN A 47 -22.19 -20.16 -14.82
N SER A 48 -22.86 -21.32 -14.95
CA SER A 48 -24.32 -21.41 -14.87
C SER A 48 -24.85 -21.21 -13.44
N GLU A 49 -24.17 -21.75 -12.40
CA GLU A 49 -24.68 -21.64 -11.03
C GLU A 49 -24.39 -20.30 -10.37
N THR A 50 -23.15 -19.77 -10.48
CA THR A 50 -22.80 -18.51 -9.83
C THR A 50 -22.54 -17.37 -10.82
N ARG A 51 -22.81 -16.15 -10.37
CA ARG A 51 -22.58 -14.92 -11.13
C ARG A 51 -21.23 -14.30 -10.70
N THR A 52 -20.60 -14.81 -9.62
CA THR A 52 -19.31 -14.30 -9.12
C THR A 52 -18.17 -14.68 -10.08
N VAL A 53 -17.39 -13.69 -10.49
CA VAL A 53 -16.28 -13.89 -11.41
C VAL A 53 -14.99 -13.53 -10.70
N THR A 54 -14.00 -14.42 -10.79
CA THR A 54 -12.66 -14.20 -10.23
C THR A 54 -11.83 -13.55 -11.33
N ALA A 55 -11.06 -12.52 -10.97
CA ALA A 55 -10.27 -11.76 -11.93
C ALA A 55 -9.03 -12.50 -12.43
N THR A 56 -8.76 -12.44 -13.75
CA THR A 56 -7.55 -13.00 -14.35
C THR A 56 -6.51 -11.86 -14.48
N HIS A 57 -6.98 -10.59 -14.39
CA HIS A 57 -6.11 -9.41 -14.38
C HIS A 57 -6.84 -8.21 -13.72
N SER A 58 -6.10 -7.14 -13.44
CA SER A 58 -6.63 -5.97 -12.73
C SER A 58 -7.62 -5.13 -13.53
N ILE A 59 -8.44 -4.34 -12.78
CA ILE A 59 -9.38 -3.35 -13.31
C ILE A 59 -9.06 -2.06 -12.59
N GLY A 60 -7.99 -1.40 -13.02
CA GLY A 60 -7.54 -0.15 -12.44
C GLY A 60 -7.02 -0.29 -11.03
N SER A 61 -7.52 0.57 -10.12
CA SER A 61 -7.10 0.63 -8.72
C SER A 61 -7.92 -0.29 -7.80
N THR A 62 -9.21 -0.48 -8.09
CA THR A 62 -10.11 -1.26 -7.23
C THR A 62 -9.88 -2.78 -7.29
N ILE A 63 -9.80 -3.35 -8.49
CA ILE A 63 -9.64 -4.80 -8.65
C ILE A 63 -8.21 -5.14 -9.05
N SER A 64 -7.73 -6.29 -8.55
CA SER A 64 -6.43 -6.88 -8.85
C SER A 64 -6.66 -8.37 -9.13
N THR A 65 -5.64 -9.07 -9.63
CA THR A 65 -5.78 -10.50 -9.97
C THR A 65 -6.22 -11.33 -8.77
N GLY A 66 -7.14 -12.27 -8.98
CA GLY A 66 -7.66 -13.15 -7.95
C GLY A 66 -8.91 -12.64 -7.22
N ASP A 67 -9.19 -11.31 -7.29
CA ASP A 67 -10.34 -10.72 -6.59
C ASP A 67 -11.66 -11.21 -7.14
N ALA A 68 -12.58 -11.59 -6.27
CA ALA A 68 -13.92 -12.05 -6.66
C ALA A 68 -14.87 -10.86 -6.74
N PHE A 69 -15.48 -10.64 -7.91
CA PHE A 69 -16.42 -9.55 -8.13
C PHE A 69 -17.63 -10.04 -8.94
N GLU A 70 -18.64 -9.17 -9.05
CA GLU A 70 -19.89 -9.46 -9.77
C GLU A 70 -20.30 -8.29 -10.64
N ILE A 71 -20.81 -8.57 -11.84
CA ILE A 71 -21.33 -7.55 -12.76
C ILE A 71 -22.88 -7.57 -12.54
N GLY A 72 -23.61 -6.45 -12.60
CA GLY A 72 -23.19 -5.12 -12.98
C GLY A 72 -23.93 -4.60 -14.21
N SER A 73 -23.27 -3.71 -14.95
CA SER A 73 -23.82 -3.14 -16.18
C SER A 73 -22.73 -2.45 -16.98
N VAL A 74 -22.26 -3.10 -18.07
CA VAL A 74 -21.19 -2.59 -18.92
C VAL A 74 -21.76 -1.54 -19.88
N GLU A 75 -21.14 -0.33 -19.91
CA GLU A 75 -21.57 0.77 -20.79
C GLU A 75 -20.41 1.18 -21.67
N VAL A 76 -20.63 1.24 -22.99
CA VAL A 76 -19.60 1.62 -23.95
C VAL A 76 -20.10 2.77 -24.82
N SER A 77 -19.27 3.81 -24.94
CA SER A 77 -19.51 4.97 -25.80
C SER A 77 -18.58 4.79 -26.93
N TYR A 78 -19.06 4.95 -28.15
CA TYR A 78 -18.27 4.75 -29.35
C TYR A 78 -18.80 5.61 -30.49
N SER A 79 -18.10 5.61 -31.63
CA SER A 79 -18.51 6.36 -32.81
C SER A 79 -18.33 5.55 -34.06
N HIS A 80 -19.27 5.71 -35.01
CA HIS A 80 -19.23 5.09 -36.33
C HIS A 80 -19.87 6.06 -37.31
N SER A 81 -19.14 6.38 -38.38
CA SER A 81 -19.53 7.35 -39.41
C SER A 81 -19.91 8.72 -38.79
N HIS A 82 -19.00 9.26 -37.95
CA HIS A 82 -19.11 10.57 -37.28
C HIS A 82 -20.32 10.70 -36.32
N GLU A 83 -20.93 9.57 -35.88
CA GLU A 83 -22.10 9.60 -35.00
C GLU A 83 -21.82 8.85 -33.72
N GLU A 84 -21.74 9.58 -32.59
CA GLU A 84 -21.48 8.99 -31.28
C GLU A 84 -22.75 8.36 -30.71
N SER A 85 -22.64 7.09 -30.27
CA SER A 85 -23.74 6.31 -29.70
C SER A 85 -23.30 5.65 -28.40
N GLN A 86 -24.26 5.22 -27.57
CA GLN A 86 -23.99 4.59 -26.26
C GLN A 86 -24.73 3.26 -26.14
N VAL A 87 -24.00 2.13 -26.01
CA VAL A 87 -24.61 0.80 -25.88
C VAL A 87 -24.39 0.28 -24.46
N SER A 88 -25.50 -0.09 -23.79
CA SER A 88 -25.47 -0.63 -22.43
C SER A 88 -25.82 -2.12 -22.48
N MET A 89 -25.36 -2.86 -21.48
CA MET A 89 -25.62 -4.29 -21.35
C MET A 89 -25.96 -4.58 -19.89
N THR A 90 -27.23 -4.90 -19.61
CA THR A 90 -27.69 -5.14 -18.24
C THR A 90 -27.16 -6.47 -17.67
N GLU A 91 -27.45 -6.72 -16.39
CA GLU A 91 -26.98 -7.90 -15.65
C GLU A 91 -27.40 -9.21 -16.35
N THR A 92 -28.70 -9.39 -16.61
CA THR A 92 -29.19 -10.62 -17.27
C THR A 92 -28.61 -10.76 -18.70
N GLU A 93 -28.26 -9.65 -19.38
CA GLU A 93 -27.68 -9.72 -20.73
C GLU A 93 -26.23 -10.23 -20.72
N VAL A 94 -25.38 -9.71 -19.81
CA VAL A 94 -23.95 -10.11 -19.75
C VAL A 94 -23.79 -11.59 -19.35
N TYR A 95 -24.66 -12.13 -18.47
CA TYR A 95 -24.53 -13.51 -17.99
C TYR A 95 -25.25 -14.52 -18.90
N GLU A 96 -26.45 -14.22 -19.41
CA GLU A 96 -27.15 -15.18 -20.30
C GLU A 96 -26.56 -15.08 -21.71
N SER A 97 -25.93 -16.18 -22.19
CA SER A 97 -25.25 -16.22 -23.49
C SER A 97 -26.20 -16.62 -24.61
N LYS A 98 -26.71 -15.63 -25.36
CA LYS A 98 -27.62 -15.85 -26.49
C LYS A 98 -26.86 -16.16 -27.77
N VAL A 99 -27.45 -16.97 -28.65
CA VAL A 99 -26.88 -17.31 -29.95
C VAL A 99 -27.82 -16.71 -30.99
N ILE A 100 -27.34 -15.74 -31.79
CA ILE A 100 -28.14 -15.05 -32.80
C ILE A 100 -27.70 -15.53 -34.20
N GLU A 101 -28.67 -15.79 -35.08
CA GLU A 101 -28.39 -16.26 -36.44
C GLU A 101 -29.31 -15.62 -37.45
N HIS A 102 -28.74 -15.16 -38.58
CA HIS A 102 -29.53 -14.61 -39.69
C HIS A 102 -28.70 -14.68 -40.99
N THR A 103 -29.38 -14.88 -42.12
CA THR A 103 -28.72 -14.94 -43.42
C THR A 103 -28.43 -13.52 -43.89
N ILE A 104 -27.40 -13.36 -44.72
CA ILE A 104 -27.03 -12.08 -45.31
C ILE A 104 -26.66 -12.31 -46.75
N THR A 105 -27.26 -11.57 -47.68
CA THR A 105 -26.94 -11.74 -49.10
C THR A 105 -25.94 -10.66 -49.49
N ILE A 106 -24.70 -11.06 -49.81
CA ILE A 106 -23.64 -10.14 -50.18
C ILE A 106 -23.78 -9.86 -51.67
N PRO A 107 -23.90 -8.59 -52.11
CA PRO A 107 -24.01 -8.34 -53.56
C PRO A 107 -22.72 -8.64 -54.30
N PRO A 108 -22.77 -8.75 -55.62
CA PRO A 108 -21.55 -9.03 -56.37
C PRO A 108 -20.57 -7.84 -56.37
N THR A 109 -19.26 -8.15 -56.38
CA THR A 109 -18.17 -7.18 -56.37
C THR A 109 -18.29 -6.30 -55.13
N SER A 110 -18.45 -6.93 -53.96
CA SER A 110 -18.55 -6.24 -52.66
C SER A 110 -17.99 -7.10 -51.54
N LYS A 111 -17.85 -6.50 -50.36
CA LYS A 111 -17.37 -7.14 -49.13
C LYS A 111 -18.32 -6.82 -47.98
N PHE A 112 -18.76 -7.86 -47.24
CA PHE A 112 -19.59 -7.73 -46.06
C PHE A 112 -18.68 -7.79 -44.85
N THR A 113 -18.74 -6.77 -43.97
CA THR A 113 -17.93 -6.72 -42.76
C THR A 113 -18.85 -6.57 -41.54
N ARG A 114 -18.70 -7.45 -40.55
CA ARG A 114 -19.48 -7.43 -39.30
C ARG A 114 -18.56 -7.00 -38.18
N TRP A 115 -18.66 -5.74 -37.76
CA TRP A 115 -17.84 -5.24 -36.66
C TRP A 115 -18.43 -5.76 -35.35
N GLN A 116 -17.61 -6.39 -34.48
CA GLN A 116 -18.09 -6.90 -33.19
C GLN A 116 -17.45 -6.14 -32.03
N LEU A 117 -18.28 -5.66 -31.08
CA LEU A 117 -17.82 -4.92 -29.92
C LEU A 117 -17.66 -5.84 -28.73
N ASN A 118 -16.48 -5.86 -28.11
CA ASN A 118 -16.20 -6.69 -26.95
C ASN A 118 -15.67 -5.85 -25.82
N ALA A 119 -15.94 -6.27 -24.58
CA ALA A 119 -15.46 -5.63 -23.37
C ALA A 119 -14.72 -6.64 -22.54
N ASP A 120 -13.73 -6.19 -21.77
CA ASP A 120 -12.92 -7.07 -20.94
C ASP A 120 -12.94 -6.56 -19.51
N VAL A 121 -13.88 -7.08 -18.71
CA VAL A 121 -14.04 -6.67 -17.31
C VAL A 121 -13.12 -7.57 -16.47
N GLY A 122 -11.84 -7.20 -16.39
CA GLY A 122 -10.82 -7.93 -15.64
C GLY A 122 -10.74 -9.40 -15.93
N GLY A 123 -10.61 -9.74 -17.21
CA GLY A 123 -10.55 -11.12 -17.66
C GLY A 123 -11.85 -11.60 -18.30
N ALA A 124 -13.01 -11.13 -17.77
CA ALA A 124 -14.32 -11.51 -18.29
C ALA A 124 -14.53 -10.97 -19.70
N ASP A 125 -14.31 -11.83 -20.71
CA ASP A 125 -14.45 -11.44 -22.12
C ASP A 125 -15.91 -11.49 -22.52
N ILE A 126 -16.57 -10.31 -22.53
CA ILE A 126 -17.97 -10.17 -22.90
C ILE A 126 -18.03 -10.02 -24.42
N GLU A 127 -18.50 -11.05 -25.12
CA GLU A 127 -18.59 -11.04 -26.59
C GLU A 127 -19.83 -10.28 -27.09
N TYR A 128 -19.72 -9.75 -28.32
CA TYR A 128 -20.76 -9.01 -29.05
C TYR A 128 -21.67 -8.14 -28.15
N MET A 129 -21.10 -7.08 -27.54
CA MET A 129 -21.87 -6.11 -26.75
C MET A 129 -22.83 -5.37 -27.68
N TYR A 130 -22.36 -5.15 -28.92
CA TYR A 130 -23.11 -4.49 -29.98
C TYR A 130 -22.57 -4.95 -31.32
N LEU A 131 -23.26 -4.57 -32.40
CA LEU A 131 -22.92 -5.02 -33.75
C LEU A 131 -23.19 -3.94 -34.80
N ILE A 132 -22.27 -3.78 -35.75
CA ILE A 132 -22.39 -2.89 -36.89
C ILE A 132 -21.97 -3.70 -38.10
N ASP A 133 -22.84 -3.98 -39.07
CA ASP A 133 -22.37 -4.73 -40.23
C ASP A 133 -22.56 -3.89 -41.48
N GLU A 134 -21.43 -3.69 -42.24
CA GLU A 134 -21.42 -2.85 -43.43
C GLU A 134 -21.00 -3.60 -44.67
N VAL A 135 -21.66 -3.28 -45.80
CA VAL A 135 -21.35 -3.83 -47.12
C VAL A 135 -20.66 -2.72 -47.90
N THR A 136 -19.46 -2.97 -48.43
CA THR A 136 -18.72 -2.00 -49.23
C THR A 136 -18.31 -2.63 -50.55
N PRO A 137 -18.33 -1.87 -51.64
CA PRO A 137 -17.90 -2.43 -52.92
C PRO A 137 -16.40 -2.62 -52.95
N ILE A 138 -15.91 -3.55 -53.77
CA ILE A 138 -14.46 -3.75 -53.92
C ILE A 138 -14.04 -2.77 -55.04
N GLY A 139 -13.12 -1.82 -54.84
CA GLY A 139 -12.32 -1.57 -53.63
C GLY A 139 -12.66 -0.24 -53.01
N GLY A 140 -13.73 -0.22 -52.22
CA GLY A 140 -14.21 0.96 -51.53
C GLY A 140 -13.60 1.12 -50.17
N THR A 141 -13.96 2.22 -49.50
CA THR A 141 -13.47 2.54 -48.17
C THR A 141 -14.51 2.18 -47.13
N GLN A 142 -14.04 1.87 -45.93
CA GLN A 142 -14.88 1.51 -44.79
C GLN A 142 -14.92 2.66 -43.79
N SER A 143 -15.76 2.48 -42.77
CA SER A 143 -15.89 3.34 -41.61
C SER A 143 -15.54 2.46 -40.43
N ILE A 144 -14.30 2.56 -39.92
CA ILE A 144 -13.85 1.72 -38.82
C ILE A 144 -14.47 2.25 -37.52
N PRO A 145 -15.30 1.44 -36.81
CA PRO A 145 -15.91 1.95 -35.57
C PRO A 145 -14.89 2.11 -34.46
N GLN A 146 -14.92 3.26 -33.76
CA GLN A 146 -13.95 3.60 -32.71
C GLN A 146 -14.60 3.69 -31.36
N VAL A 147 -14.00 3.06 -30.34
CA VAL A 147 -14.52 3.10 -28.97
C VAL A 147 -13.95 4.38 -28.30
N ILE A 148 -14.80 5.10 -27.54
CA ILE A 148 -14.50 6.37 -26.90
C ILE A 148 -14.38 6.22 -25.39
N THR A 149 -15.40 5.63 -24.76
CA THR A 149 -15.43 5.42 -23.30
C THR A 149 -16.02 4.05 -22.99
N SER A 150 -15.33 3.25 -22.15
CA SER A 150 -15.79 1.94 -21.73
C SER A 150 -15.71 1.84 -20.21
N ARG A 151 -16.87 1.67 -19.55
CA ARG A 151 -16.99 1.57 -18.10
C ARG A 151 -17.92 0.42 -17.72
N ALA A 152 -17.92 0.05 -16.44
CA ALA A 152 -18.80 -1.01 -15.95
C ALA A 152 -19.01 -0.91 -14.45
N LYS A 153 -20.26 -1.04 -14.01
CA LYS A 153 -20.59 -1.06 -12.60
C LYS A 153 -20.33 -2.48 -12.12
N ILE A 154 -19.65 -2.65 -10.98
CA ILE A 154 -19.35 -3.98 -10.44
C ILE A 154 -19.62 -3.99 -8.96
N ILE A 155 -20.03 -5.15 -8.45
CA ILE A 155 -20.34 -5.37 -7.04
C ILE A 155 -19.19 -6.15 -6.42
N VAL A 156 -18.60 -5.59 -5.34
CA VAL A 156 -17.48 -6.17 -4.60
C VAL A 156 -17.76 -6.13 -3.10
N GLY A 157 -16.94 -6.85 -2.34
CA GLY A 157 -17.06 -6.89 -0.87
C GLY A 157 -16.89 -5.52 -0.26
N ARG A 158 -17.71 -5.21 0.77
CA ARG A 158 -17.69 -3.89 1.37
C ARG A 158 -16.33 -3.65 2.03
N GLN A 159 -15.92 -2.38 1.99
CA GLN A 159 -14.63 -1.92 2.49
C GLN A 159 -14.52 -2.05 4.02
N ILE A 160 -13.41 -2.64 4.49
CA ILE A 160 -13.10 -2.83 5.91
C ILE A 160 -12.38 -1.57 6.39
N ILE A 161 -13.03 -0.78 7.25
CA ILE A 161 -12.43 0.45 7.79
C ILE A 161 -11.55 0.03 8.97
N LEU A 162 -10.25 0.35 8.90
CA LEU A 162 -9.31 -0.03 9.96
C LEU A 162 -9.65 0.74 11.24
N GLY A 163 -9.88 0.00 12.33
CA GLY A 163 -10.22 0.56 13.62
C GLY A 163 -11.71 0.63 13.95
N LYS A 164 -12.60 0.56 12.93
CA LYS A 164 -14.05 0.62 13.14
C LYS A 164 -14.71 -0.73 12.86
N THR A 165 -14.58 -1.23 11.62
CA THR A 165 -15.25 -2.45 11.16
C THR A 165 -14.91 -3.70 11.97
N GLU A 166 -15.93 -4.30 12.61
CA GLU A 166 -15.80 -5.56 13.33
C GLU A 166 -15.86 -6.69 12.31
N ILE A 167 -14.95 -7.66 12.40
CA ILE A 167 -14.87 -8.78 11.45
C ILE A 167 -14.69 -10.12 12.15
N ARG A 168 -14.79 -11.20 11.37
CA ARG A 168 -14.52 -12.56 11.81
C ARG A 168 -13.44 -13.11 10.91
N ILE A 169 -12.48 -13.86 11.49
CA ILE A 169 -11.37 -14.42 10.72
C ILE A 169 -11.60 -15.94 10.62
N LYS A 170 -12.03 -16.40 9.43
CA LYS A 170 -12.31 -17.82 9.17
C LYS A 170 -11.19 -18.45 8.36
N HIS A 171 -10.85 -19.71 8.66
CA HIS A 171 -9.83 -20.46 7.93
C HIS A 171 -10.38 -20.84 6.57
N ALA A 172 -9.59 -20.72 5.50
CA ALA A 172 -10.06 -21.02 4.15
C ALA A 172 -10.27 -22.52 3.92
N GLU A 173 -9.32 -23.36 4.37
CA GLU A 173 -9.39 -24.81 4.15
C GLU A 173 -10.35 -25.49 5.14
N ARG A 174 -10.16 -25.29 6.46
CA ARG A 174 -10.99 -25.93 7.48
C ARG A 174 -12.40 -25.31 7.60
N LYS A 175 -12.59 -24.05 7.19
CA LYS A 175 -13.88 -23.34 7.25
C LYS A 175 -14.37 -23.23 8.71
N GLU A 176 -13.52 -22.68 9.58
CA GLU A 176 -13.81 -22.51 11.01
C GLU A 176 -13.27 -21.15 11.50
N TYR A 177 -14.05 -20.47 12.35
CA TYR A 177 -13.70 -19.14 12.86
C TYR A 177 -12.64 -19.20 13.93
N MET A 178 -11.82 -18.13 14.01
CA MET A 178 -10.79 -18.00 15.03
C MET A 178 -11.45 -17.58 16.35
N THR A 179 -11.36 -18.42 17.38
CA THR A 179 -11.91 -18.14 18.70
C THR A 179 -10.77 -17.91 19.67
N VAL A 180 -11.07 -17.34 20.84
CA VAL A 180 -10.11 -17.03 21.90
C VAL A 180 -10.43 -17.89 23.15
N VAL A 181 -9.43 -18.62 23.66
CA VAL A 181 -9.56 -19.47 24.84
C VAL A 181 -8.33 -19.31 25.73
N SER A 182 -8.44 -19.70 27.00
CA SER A 182 -7.33 -19.58 27.94
C SER A 182 -6.33 -20.73 27.79
N ARG A 183 -5.10 -20.41 27.33
CA ARG A 183 -3.96 -21.33 27.26
C ARG A 183 -2.96 -20.78 28.27
N LYS A 184 -2.30 -21.66 29.04
CA LYS A 184 -1.38 -21.26 30.10
C LYS A 184 -2.19 -20.37 31.10
N SER A 185 -2.05 -19.03 31.05
CA SER A 185 -2.80 -18.11 31.94
C SER A 185 -3.28 -16.80 31.26
N TRP A 186 -3.19 -16.68 29.91
CA TRP A 186 -3.65 -15.47 29.19
C TRP A 186 -4.48 -15.90 27.97
N PRO A 187 -5.18 -14.98 27.26
CA PRO A 187 -6.02 -15.43 26.13
C PRO A 187 -5.18 -15.86 24.94
N ALA A 188 -5.54 -17.01 24.34
CA ALA A 188 -4.86 -17.62 23.21
C ALA A 188 -5.84 -17.96 22.10
N ALA A 189 -5.43 -17.79 20.84
CA ALA A 189 -6.30 -18.08 19.71
C ALA A 189 -6.40 -19.58 19.44
N THR A 190 -7.63 -20.06 19.18
CA THR A 190 -7.95 -21.44 18.81
C THR A 190 -8.95 -21.38 17.63
N LEU A 191 -9.38 -22.53 17.12
CA LEU A 191 -10.29 -22.59 15.98
C LEU A 191 -11.57 -23.36 16.36
N GLY A 192 -12.73 -22.71 16.19
CA GLY A 192 -14.04 -23.27 16.48
C GLY A 192 -15.12 -22.80 15.52
N HIS A 193 -16.38 -23.08 15.86
CA HIS A 193 -17.55 -22.72 15.04
C HIS A 193 -18.31 -21.49 15.58
N SER A 194 -17.89 -20.91 16.71
CA SER A 194 -18.59 -19.77 17.32
C SER A 194 -18.52 -18.49 16.47
N LYS A 195 -19.70 -17.90 16.16
CA LYS A 195 -19.80 -16.65 15.40
C LYS A 195 -19.79 -15.43 16.35
N LEU A 196 -19.86 -15.64 17.68
CA LEU A 196 -19.87 -14.54 18.66
C LEU A 196 -18.51 -13.84 18.76
N PHE A 197 -17.42 -14.54 18.39
CA PHE A 197 -16.06 -14.02 18.54
C PHE A 197 -15.66 -13.19 17.31
N LYS A 198 -15.55 -11.86 17.51
CA LYS A 198 -15.21 -10.88 16.48
C LYS A 198 -13.83 -10.26 16.75
N PHE A 199 -13.29 -9.57 15.74
CA PHE A 199 -12.00 -8.86 15.80
C PHE A 199 -12.11 -7.51 15.10
N VAL A 200 -11.07 -6.69 15.21
CA VAL A 200 -11.02 -5.39 14.52
C VAL A 200 -9.55 -5.13 14.13
N LEU A 201 -9.31 -4.82 12.84
CA LEU A 201 -7.96 -4.63 12.32
C LEU A 201 -7.48 -3.17 12.37
N TYR A 202 -6.17 -2.98 12.58
CA TYR A 202 -5.51 -1.66 12.63
C TYR A 202 -4.25 -1.68 11.79
N GLU A 203 -3.70 -0.50 11.46
CA GLU A 203 -2.43 -0.41 10.71
C GLU A 203 -1.64 0.80 11.19
N ASP A 204 -0.37 0.56 11.60
CA ASP A 204 0.55 1.60 12.05
C ASP A 204 1.90 1.40 11.34
N TRP A 205 2.90 2.23 11.70
CA TRP A 205 4.28 2.19 11.18
C TRP A 205 4.95 0.81 11.27
N GLY A 206 4.59 0.02 12.28
CA GLY A 206 5.12 -1.32 12.47
C GLY A 206 4.41 -2.41 11.73
N GLY A 207 3.15 -2.18 11.33
CA GLY A 207 2.37 -3.15 10.57
C GLY A 207 0.91 -3.24 11.00
N PHE A 208 0.24 -4.34 10.60
CA PHE A 208 -1.15 -4.61 10.93
C PHE A 208 -1.28 -5.31 12.27
N ARG A 209 -2.41 -5.10 12.97
CA ARG A 209 -2.67 -5.72 14.27
C ARG A 209 -4.05 -6.38 14.29
N ILE A 210 -4.19 -7.50 15.03
CA ILE A 210 -5.44 -8.26 15.14
C ILE A 210 -6.00 -8.12 16.57
N LYS A 211 -6.78 -7.05 16.82
CA LYS A 211 -7.39 -6.83 18.15
C LYS A 211 -8.64 -7.68 18.31
N THR A 212 -8.78 -8.39 19.45
CA THR A 212 -9.99 -9.19 19.72
C THR A 212 -10.93 -8.37 20.60
N LEU A 213 -12.23 -8.48 20.33
CA LEU A 213 -13.28 -7.77 21.08
C LEU A 213 -13.93 -8.69 22.11
N ASN A 214 -13.44 -9.96 22.24
CA ASN A 214 -13.95 -10.95 23.18
C ASN A 214 -12.82 -11.45 24.07
N THR A 215 -12.07 -10.52 24.69
CA THR A 215 -10.95 -10.89 25.56
C THR A 215 -11.47 -11.41 26.90
N MET A 216 -10.74 -12.38 27.47
CA MET A 216 -11.06 -13.01 28.75
C MET A 216 -10.52 -12.14 29.89
N TYR A 217 -9.25 -11.70 29.74
CA TYR A 217 -8.54 -10.84 30.68
C TYR A 217 -8.42 -9.45 30.02
N SER A 218 -9.15 -8.44 30.56
CA SER A 218 -9.19 -7.08 30.00
C SER A 218 -7.81 -6.46 29.82
N GLY A 219 -7.59 -5.84 28.67
CA GLY A 219 -6.33 -5.22 28.30
C GLY A 219 -5.52 -6.05 27.32
N TYR A 220 -5.41 -7.36 27.58
CA TYR A 220 -4.67 -8.31 26.76
C TYR A 220 -5.53 -8.64 25.53
N GLU A 221 -5.37 -7.86 24.43
CA GLU A 221 -6.24 -7.99 23.26
C GLU A 221 -5.56 -8.02 21.87
N TYR A 222 -4.28 -7.63 21.70
CA TYR A 222 -3.64 -7.64 20.38
C TYR A 222 -2.91 -8.95 20.16
N ALA A 223 -3.24 -9.67 19.05
CA ALA A 223 -2.67 -10.99 18.72
C ALA A 223 -1.18 -10.91 18.47
N TYR A 224 -0.41 -11.83 19.10
CA TYR A 224 1.04 -11.86 18.94
C TYR A 224 1.56 -13.30 18.91
N SER A 225 2.78 -13.46 18.38
CA SER A 225 3.46 -14.74 18.24
C SER A 225 4.45 -14.94 19.37
N SER A 226 4.33 -16.04 20.10
CA SER A 226 5.25 -16.36 21.20
C SER A 226 6.49 -17.06 20.66
N ASP A 227 7.50 -17.25 21.52
CA ASP A 227 8.75 -17.92 21.14
C ASP A 227 8.48 -19.40 20.84
N GLN A 228 7.61 -20.05 21.64
CA GLN A 228 7.19 -21.45 21.46
C GLN A 228 6.44 -21.70 20.11
N GLY A 229 5.89 -20.64 19.50
CA GLY A 229 5.19 -20.72 18.22
C GLY A 229 3.72 -20.35 18.29
N GLY A 230 3.08 -20.64 19.43
CA GLY A 230 1.67 -20.37 19.66
C GLY A 230 1.24 -18.92 19.59
N ILE A 231 -0.06 -18.71 19.41
CA ILE A 231 -0.67 -17.39 19.32
C ILE A 231 -1.30 -17.04 20.64
N TYR A 232 -1.05 -15.80 21.10
CA TYR A 232 -1.61 -15.26 22.33
C TYR A 232 -2.01 -13.81 22.08
N PHE A 233 -2.84 -13.23 22.96
CA PHE A 233 -3.27 -11.84 22.85
C PHE A 233 -2.63 -11.06 23.99
N ASP A 234 -1.92 -9.95 23.67
CA ASP A 234 -1.18 -9.12 24.64
C ASP A 234 -1.62 -7.66 24.57
N GLN A 235 -1.26 -6.86 25.59
CA GLN A 235 -1.54 -5.43 25.65
C GLN A 235 -0.84 -4.67 24.53
N GLY A 236 -1.36 -3.48 24.21
CA GLY A 236 -0.82 -2.62 23.17
C GLY A 236 0.62 -2.20 23.41
N THR A 237 1.50 -2.57 22.48
CA THR A 237 2.94 -2.27 22.52
C THR A 237 3.49 -2.06 21.12
N ASP A 238 4.68 -1.47 21.01
CA ASP A 238 5.34 -1.27 19.72
C ASP A 238 6.03 -2.56 19.24
N ASN A 239 6.15 -3.58 20.14
CA ASN A 239 6.74 -4.91 19.88
C ASN A 239 6.32 -5.46 18.50
N PRO A 240 7.28 -5.75 17.59
CA PRO A 240 6.89 -6.27 16.27
C PRO A 240 6.32 -7.70 16.30
N LYS A 241 6.44 -8.43 17.44
CA LYS A 241 5.83 -9.75 17.57
C LYS A 241 4.29 -9.67 17.50
N GLN A 242 3.68 -8.53 17.93
CA GLN A 242 2.22 -8.36 17.87
C GLN A 242 1.76 -7.62 16.59
N ARG A 243 2.69 -7.22 15.68
CA ARG A 243 2.35 -6.61 14.39
C ARG A 243 2.35 -7.70 13.34
N TRP A 244 1.71 -7.45 12.20
CA TRP A 244 1.54 -8.46 11.14
C TRP A 244 1.63 -7.83 9.76
N ALA A 245 1.81 -8.67 8.74
CA ALA A 245 1.90 -8.25 7.35
C ALA A 245 0.82 -8.96 6.53
N ILE A 246 -0.04 -8.18 5.87
CA ILE A 246 -1.14 -8.72 5.05
C ILE A 246 -0.77 -8.61 3.57
N ASN A 247 -0.78 -9.75 2.86
CA ASN A 247 -0.42 -9.85 1.43
C ASN A 247 -1.23 -8.91 0.52
N LYS A 248 -2.54 -8.76 0.77
CA LYS A 248 -3.40 -7.90 -0.06
C LYS A 248 -3.19 -6.42 0.26
N SER A 249 -3.15 -5.56 -0.76
CA SER A 249 -2.98 -4.11 -0.62
C SER A 249 -4.26 -3.48 -0.07
N LEU A 250 -4.14 -2.26 0.48
CA LEU A 250 -5.30 -1.54 1.00
C LEU A 250 -6.11 -0.90 -0.14
N PRO A 251 -7.42 -0.65 0.03
CA PRO A 251 -8.25 -0.94 1.20
C PRO A 251 -8.72 -2.40 1.22
N LEU A 252 -8.72 -3.03 2.42
CA LEU A 252 -9.17 -4.42 2.56
C LEU A 252 -10.68 -4.47 2.37
N ARG A 253 -11.20 -5.62 1.96
CA ARG A 253 -12.62 -5.78 1.69
C ARG A 253 -13.16 -7.10 2.26
N HIS A 254 -14.50 -7.18 2.38
CA HIS A 254 -15.23 -8.35 2.87
C HIS A 254 -14.99 -9.55 1.95
N GLY A 255 -14.84 -10.72 2.53
CA GLY A 255 -14.59 -11.96 1.80
C GLY A 255 -13.21 -12.07 1.17
N ASP A 256 -12.26 -11.21 1.56
CA ASP A 256 -10.90 -11.24 1.00
C ASP A 256 -10.13 -12.40 1.58
N VAL A 257 -9.49 -13.21 0.73
CA VAL A 257 -8.66 -14.32 1.21
C VAL A 257 -7.26 -13.75 1.43
N VAL A 258 -6.85 -13.58 2.70
CA VAL A 258 -5.57 -12.98 3.09
C VAL A 258 -4.69 -13.97 3.88
N THR A 259 -3.42 -13.60 4.06
CA THR A 259 -2.44 -14.39 4.80
C THR A 259 -1.66 -13.43 5.74
N PHE A 260 -1.52 -13.80 7.03
CA PHE A 260 -0.85 -12.95 8.03
C PHE A 260 0.57 -13.44 8.34
N MET A 261 1.58 -12.66 7.93
CA MET A 261 3.00 -12.95 8.18
C MET A 261 3.50 -12.07 9.32
N ASN A 262 4.11 -12.68 10.36
CA ASN A 262 4.61 -11.95 11.52
C ASN A 262 5.78 -11.03 11.12
N LYS A 263 5.83 -9.82 11.71
CA LYS A 263 6.85 -8.83 11.37
C LYS A 263 8.17 -9.16 12.04
N TYR A 264 8.14 -9.70 13.28
CA TYR A 264 9.37 -10.09 13.97
C TYR A 264 9.94 -11.37 13.35
N PHE A 265 9.10 -12.43 13.30
CA PHE A 265 9.45 -13.70 12.68
C PHE A 265 9.02 -13.63 11.19
N THR A 266 9.86 -13.01 10.34
CA THR A 266 9.59 -12.76 8.92
C THR A 266 9.10 -14.01 8.15
N ARG A 267 9.85 -15.12 8.18
CA ARG A 267 9.47 -16.36 7.47
C ARG A 267 8.20 -17.00 8.05
N SER A 268 8.02 -16.91 9.37
CA SER A 268 6.88 -17.49 10.08
C SER A 268 5.58 -16.73 9.80
N GLY A 269 4.48 -17.47 9.60
CA GLY A 269 3.16 -16.90 9.31
C GLY A 269 2.03 -17.63 10.01
N LEU A 270 0.90 -16.93 10.23
CA LEU A 270 -0.28 -17.45 10.94
C LEU A 270 -0.84 -18.67 10.22
N CYS A 271 -1.04 -19.79 10.95
CA CYS A 271 -1.54 -21.02 10.36
C CYS A 271 -2.21 -21.93 11.40
N TYR A 272 -2.77 -23.06 10.92
CA TYR A 272 -3.39 -24.08 11.77
C TYR A 272 -2.38 -25.17 12.07
N ASP A 273 -2.29 -25.60 13.34
CA ASP A 273 -1.41 -26.69 13.74
C ASP A 273 -1.86 -27.22 15.10
N ASP A 274 -2.56 -28.38 15.12
CA ASP A 274 -3.12 -28.96 16.33
C ASP A 274 -2.03 -29.24 17.40
N GLY A 275 -1.93 -28.32 18.35
CA GLY A 275 -0.97 -28.40 19.45
C GLY A 275 -1.57 -29.07 20.67
N PRO A 276 -1.03 -28.83 21.89
CA PRO A 276 -1.59 -29.50 23.08
C PRO A 276 -3.00 -29.03 23.43
N ALA A 277 -3.21 -27.71 23.56
CA ALA A 277 -4.52 -27.13 23.90
C ALA A 277 -5.15 -26.40 22.71
N THR A 278 -4.44 -25.42 22.15
CA THR A 278 -4.92 -24.62 21.02
C THR A 278 -4.49 -25.25 19.69
N ASN A 279 -4.98 -24.68 18.57
CA ASN A 279 -4.66 -25.15 17.22
C ASN A 279 -4.36 -24.01 16.21
N VAL A 280 -4.26 -22.73 16.66
CA VAL A 280 -3.89 -21.60 15.80
C VAL A 280 -2.47 -21.20 16.21
N TYR A 281 -1.50 -21.43 15.31
CA TYR A 281 -0.07 -21.23 15.55
C TYR A 281 0.59 -20.40 14.45
N CYS A 282 1.74 -19.78 14.75
CA CYS A 282 2.54 -19.04 13.77
C CYS A 282 3.87 -19.83 13.62
N LEU A 283 4.00 -20.61 12.53
CA LEU A 283 5.15 -21.49 12.28
C LEU A 283 5.96 -21.10 11.03
N ASP A 284 7.26 -21.43 11.04
CA ASP A 284 8.23 -21.13 9.97
C ASP A 284 7.83 -21.74 8.63
N LYS A 285 8.00 -20.97 7.55
CA LYS A 285 7.69 -21.35 6.15
C LYS A 285 6.21 -21.79 5.94
N ARG A 286 5.28 -21.37 6.81
CA ARG A 286 3.86 -21.69 6.70
C ARG A 286 3.03 -20.42 6.63
N GLU A 287 2.09 -20.36 5.68
CA GLU A 287 1.24 -19.20 5.48
C GLU A 287 -0.15 -19.65 4.98
N ASP A 288 -0.97 -20.17 5.90
CA ASP A 288 -2.32 -20.64 5.57
C ASP A 288 -3.22 -19.48 5.22
N LYS A 289 -4.23 -19.74 4.38
CA LYS A 289 -5.15 -18.72 3.91
C LYS A 289 -6.28 -18.47 4.92
N TRP A 290 -6.60 -17.19 5.17
CA TRP A 290 -7.65 -16.74 6.09
C TRP A 290 -8.60 -15.81 5.38
N ILE A 291 -9.92 -15.96 5.59
CA ILE A 291 -10.92 -15.12 4.93
C ILE A 291 -11.42 -14.05 5.90
N LEU A 292 -11.40 -12.78 5.47
CA LEU A 292 -11.94 -11.67 6.25
C LEU A 292 -13.44 -11.61 6.00
N GLU A 293 -14.25 -11.69 7.06
CA GLU A 293 -15.71 -11.68 6.98
C GLU A 293 -16.28 -10.54 7.83
N VAL A 294 -16.88 -9.53 7.18
CA VAL A 294 -17.49 -8.38 7.86
C VAL A 294 -18.78 -8.82 8.57
N VAL A 295 -19.05 -8.25 9.76
CA VAL A 295 -20.23 -8.60 10.55
C VAL A 295 -21.35 -7.55 10.37
N GLY A 296 -22.55 -8.06 10.19
CA GLY A 296 -23.81 -7.34 10.15
C GLY A 296 -24.89 -8.33 10.61
N LEU A 297 -24.53 -9.22 11.57
CA LEU A 297 -25.39 -10.28 12.11
C LEU A 297 -24.74 -10.90 13.35
N ALA B 4 20.11 15.62 32.70
CA ALA B 4 18.82 16.30 32.47
C ALA B 4 18.97 17.83 32.46
N ALA B 5 18.56 18.48 31.35
CA ALA B 5 18.63 19.95 31.22
C ALA B 5 17.41 20.58 31.87
N GLU B 6 17.55 21.80 32.45
CA GLU B 6 16.41 22.47 33.08
C GLU B 6 15.40 22.95 32.01
N GLY B 7 14.12 22.68 32.27
CA GLY B 7 13.05 22.96 31.33
C GLY B 7 12.65 21.72 30.54
N TYR B 8 13.48 20.64 30.62
CA TYR B 8 13.23 19.38 29.93
C TYR B 8 13.36 18.19 30.91
N GLU B 9 12.90 16.97 30.50
CA GLU B 9 12.97 15.78 31.34
C GLU B 9 13.29 14.52 30.52
N GLN B 10 14.05 13.59 31.12
CA GLN B 10 14.47 12.34 30.47
C GLN B 10 13.49 11.21 30.76
N ILE B 11 13.18 10.37 29.74
CA ILE B 11 12.26 9.24 29.88
C ILE B 11 12.82 8.03 29.15
N GLU B 12 12.88 6.86 29.83
CA GLU B 12 13.28 5.62 29.18
C GLU B 12 12.06 5.07 28.51
N VAL B 13 12.15 4.84 27.19
CA VAL B 13 11.02 4.42 26.38
C VAL B 13 11.38 3.18 25.58
N ASP B 14 10.40 2.28 25.36
CA ASP B 14 10.62 1.06 24.58
C ASP B 14 10.61 1.42 23.08
N VAL B 15 11.70 1.07 22.41
CA VAL B 15 11.98 1.36 21.01
C VAL B 15 12.05 0.03 20.26
N VAL B 16 11.87 0.05 18.94
CA VAL B 16 11.95 -1.18 18.15
C VAL B 16 13.35 -1.28 17.52
N ALA B 17 13.95 -2.47 17.57
CA ALA B 17 15.25 -2.72 16.96
C ALA B 17 15.20 -3.99 16.14
N VAL B 18 16.15 -4.19 15.22
CA VAL B 18 16.12 -5.34 14.32
C VAL B 18 17.50 -5.75 13.83
N TRP B 19 17.65 -7.06 13.56
CA TRP B 19 18.87 -7.66 13.05
C TRP B 19 18.74 -7.94 11.55
N LYS B 20 19.30 -7.04 10.73
CA LYS B 20 19.25 -7.10 9.27
C LYS B 20 20.43 -7.92 8.79
N GLU B 21 20.44 -8.29 7.52
CA GLU B 21 21.57 -8.99 6.88
C GLU B 21 22.35 -7.89 6.15
N GLY B 22 23.26 -7.24 6.88
CA GLY B 22 24.02 -6.08 6.42
C GLY B 22 24.78 -6.22 5.12
N TYR B 23 25.34 -7.40 4.89
CA TYR B 23 26.09 -7.71 3.69
C TYR B 23 26.24 -9.22 3.61
N VAL B 24 26.30 -9.75 2.39
CA VAL B 24 26.50 -11.17 2.24
C VAL B 24 27.18 -11.43 0.90
N TYR B 25 28.20 -12.29 0.93
CA TYR B 25 28.96 -12.68 -0.24
C TYR B 25 29.09 -14.19 -0.20
N GLU B 26 28.92 -14.85 -1.35
CA GLU B 26 28.99 -16.31 -1.43
C GLU B 26 30.11 -16.69 -2.37
N ASN B 27 31.20 -17.21 -1.81
CA ASN B 27 32.35 -17.64 -2.57
C ASN B 27 32.13 -19.10 -2.88
N ARG B 28 31.60 -19.37 -4.09
CA ARG B 28 31.35 -20.72 -4.58
C ARG B 28 32.58 -21.28 -5.27
N GLY B 29 33.62 -20.47 -5.49
CA GLY B 29 34.85 -20.89 -6.13
C GLY B 29 35.76 -21.74 -5.27
N SER B 30 36.87 -22.20 -5.85
CA SER B 30 37.86 -23.05 -5.18
C SER B 30 39.05 -22.23 -4.64
N THR B 31 39.03 -20.89 -4.83
CA THR B 31 40.07 -19.98 -4.33
C THR B 31 39.43 -18.95 -3.40
N SER B 32 40.20 -18.45 -2.41
CA SER B 32 39.71 -17.44 -1.47
C SER B 32 39.57 -16.08 -2.16
N VAL B 33 38.61 -15.24 -1.72
CA VAL B 33 38.35 -13.92 -2.31
C VAL B 33 38.46 -12.82 -1.25
N ASP B 34 39.08 -11.68 -1.64
CA ASP B 34 39.22 -10.49 -0.80
C ASP B 34 38.11 -9.51 -1.15
N GLN B 35 37.46 -8.91 -0.14
CA GLN B 35 36.37 -7.96 -0.35
C GLN B 35 36.48 -6.78 0.61
N LYS B 36 36.43 -5.53 0.11
CA LYS B 36 36.51 -4.32 0.94
C LYS B 36 35.10 -3.84 1.30
N ILE B 37 34.57 -4.36 2.42
CA ILE B 37 33.23 -4.02 2.92
C ILE B 37 33.30 -2.75 3.76
N THR B 38 32.41 -1.78 3.45
CA THR B 38 32.35 -0.50 4.15
C THR B 38 30.94 -0.29 4.68
N ILE B 39 30.85 0.19 5.93
CA ILE B 39 29.59 0.43 6.63
C ILE B 39 29.60 1.83 7.20
N THR B 40 28.43 2.30 7.67
CA THR B 40 28.28 3.62 8.25
C THR B 40 27.52 3.49 9.57
N LYS B 41 28.22 3.64 10.69
CA LYS B 41 27.63 3.59 12.03
C LYS B 41 27.01 4.95 12.35
N GLY B 42 25.97 4.95 13.19
CA GLY B 42 25.29 6.18 13.60
C GLY B 42 23.99 6.46 12.88
N MET B 43 23.27 7.50 13.34
CA MET B 43 21.98 7.94 12.83
C MET B 43 22.06 8.39 11.36
N LYS B 44 21.08 7.96 10.55
CA LYS B 44 21.01 8.29 9.12
C LYS B 44 20.46 9.70 8.93
N ASN B 45 21.02 10.44 7.95
CA ASN B 45 20.63 11.81 7.60
C ASN B 45 20.52 12.70 8.86
N VAL B 46 21.54 12.60 9.72
CA VAL B 46 21.61 13.34 10.98
C VAL B 46 21.91 14.82 10.72
N ASN B 47 21.27 15.72 11.50
CA ASN B 47 21.47 17.16 11.37
C ASN B 47 22.75 17.56 12.12
N SER B 48 23.64 18.30 11.44
CA SER B 48 24.92 18.72 12.00
C SER B 48 24.78 19.79 13.09
N GLU B 49 23.86 20.76 12.90
CA GLU B 49 23.68 21.87 13.85
C GLU B 49 22.95 21.48 15.13
N THR B 50 21.79 20.82 15.01
CA THR B 50 20.96 20.47 16.16
C THR B 50 20.88 18.96 16.41
N ARG B 51 20.70 18.60 17.69
CA ARG B 51 20.54 17.22 18.13
C ARG B 51 19.03 16.90 18.27
N THR B 52 18.14 17.92 18.18
CA THR B 52 16.69 17.73 18.31
C THR B 52 16.12 17.01 17.10
N VAL B 53 15.41 15.89 17.35
CA VAL B 53 14.80 15.04 16.34
C VAL B 53 13.29 15.15 16.39
N THR B 54 12.66 15.45 15.24
CA THR B 54 11.19 15.50 15.15
C THR B 54 10.75 14.08 14.74
N ALA B 55 9.70 13.57 15.38
CA ALA B 55 9.23 12.21 15.16
C ALA B 55 8.47 12.04 13.83
N THR B 56 8.76 10.96 13.10
CA THR B 56 8.05 10.60 11.88
C THR B 56 6.93 9.60 12.26
N HIS B 57 7.04 8.97 13.45
CA HIS B 57 6.02 8.07 14.00
C HIS B 57 6.16 7.98 15.53
N SER B 58 5.16 7.39 16.20
CA SER B 58 5.11 7.30 17.66
C SER B 58 6.14 6.38 18.28
N ILE B 59 6.40 6.62 19.59
CA ILE B 59 7.26 5.80 20.45
C ILE B 59 6.41 5.47 21.69
N GLY B 60 5.50 4.54 21.53
CA GLY B 60 4.60 4.11 22.58
C GLY B 60 3.58 5.17 22.99
N SER B 61 3.49 5.43 24.30
CA SER B 61 2.55 6.37 24.90
C SER B 61 3.10 7.80 25.00
N THR B 62 4.42 7.96 25.22
CA THR B 62 5.03 9.27 25.44
C THR B 62 5.18 10.11 24.17
N ILE B 63 5.70 9.54 23.08
CA ILE B 63 5.91 10.28 21.84
C ILE B 63 4.87 9.92 20.80
N SER B 64 4.48 10.91 19.99
CA SER B 64 3.57 10.79 18.87
C SER B 64 4.19 11.54 17.69
N THR B 65 3.62 11.39 16.48
CA THR B 65 4.19 12.03 15.28
C THR B 65 4.26 13.56 15.45
N GLY B 66 5.36 14.15 14.99
CA GLY B 66 5.60 15.59 15.08
C GLY B 66 6.31 16.07 16.33
N ASP B 67 6.30 15.26 17.42
CA ASP B 67 6.92 15.66 18.70
C ASP B 67 8.43 15.79 18.58
N ALA B 68 8.98 16.89 19.11
CA ALA B 68 10.42 17.14 19.10
C ALA B 68 11.06 16.53 20.34
N PHE B 69 12.03 15.63 20.16
CA PHE B 69 12.73 14.96 21.26
C PHE B 69 14.24 14.90 20.97
N GLU B 70 15.02 14.47 21.96
CA GLU B 70 16.47 14.36 21.88
C GLU B 70 16.94 13.06 22.49
N ILE B 71 17.94 12.42 21.87
CA ILE B 71 18.58 11.20 22.39
C ILE B 71 19.88 11.69 23.11
N GLY B 72 20.32 11.10 24.23
CA GLY B 72 19.82 9.90 24.88
C GLY B 72 20.87 8.81 24.94
N SER B 73 20.40 7.55 24.99
CA SER B 73 21.27 6.38 25.01
C SER B 73 20.47 5.11 24.69
N VAL B 74 20.59 4.61 23.45
CA VAL B 74 19.85 3.44 23.02
C VAL B 74 20.54 2.17 23.54
N GLU B 75 19.78 1.26 24.16
CA GLU B 75 20.28 0.00 24.72
C GLU B 75 19.51 -1.15 24.11
N VAL B 76 20.23 -2.15 23.59
CA VAL B 76 19.62 -3.34 22.98
C VAL B 76 20.19 -4.61 23.61
N SER B 77 19.30 -5.54 24.00
CA SER B 77 19.65 -6.85 24.52
C SER B 77 19.34 -7.83 23.42
N TYR B 78 20.35 -8.59 22.97
CA TYR B 78 20.21 -9.56 21.89
C TYR B 78 20.82 -10.90 22.26
N SER B 79 20.72 -11.89 21.36
CA SER B 79 21.29 -13.20 21.57
C SER B 79 21.82 -13.77 20.27
N HIS B 80 23.02 -14.38 20.32
CA HIS B 80 23.64 -15.05 19.16
C HIS B 80 24.28 -16.33 19.65
N SER B 81 23.93 -17.47 19.02
CA SER B 81 24.45 -18.80 19.34
C SER B 81 24.19 -19.15 20.83
N HIS B 82 22.96 -18.89 21.30
CA HIS B 82 22.49 -19.17 22.66
C HIS B 82 23.25 -18.38 23.76
N GLU B 83 23.90 -17.26 23.38
CA GLU B 83 24.63 -16.43 24.34
C GLU B 83 24.01 -15.03 24.32
N GLU B 84 23.44 -14.63 25.47
CA GLU B 84 22.71 -13.37 25.64
C GLU B 84 23.67 -12.24 26.05
N SER B 85 23.68 -11.15 25.28
CA SER B 85 24.53 -9.97 25.51
C SER B 85 23.75 -8.69 25.29
N GLN B 86 24.38 -7.53 25.50
CA GLN B 86 23.72 -6.25 25.27
C GLN B 86 24.70 -5.18 24.86
N VAL B 87 24.27 -4.31 23.96
CA VAL B 87 25.08 -3.25 23.39
C VAL B 87 24.42 -1.92 23.60
N SER B 88 25.17 -0.98 24.12
CA SER B 88 24.71 0.38 24.39
C SER B 88 25.36 1.34 23.39
N MET B 89 24.69 2.47 23.14
CA MET B 89 25.17 3.49 22.22
C MET B 89 24.95 4.85 22.89
N THR B 90 26.04 5.52 23.30
CA THR B 90 25.95 6.81 24.00
C THR B 90 25.52 7.95 23.06
N GLU B 91 25.32 9.15 23.64
CA GLU B 91 24.86 10.35 22.92
C GLU B 91 25.78 10.68 21.74
N THR B 92 27.08 10.87 21.99
CA THR B 92 28.04 11.20 20.92
C THR B 92 28.12 10.10 19.85
N GLU B 93 27.84 8.82 20.20
CA GLU B 93 27.88 7.71 19.24
C GLU B 93 26.69 7.75 18.27
N VAL B 94 25.46 7.95 18.78
CA VAL B 94 24.25 7.96 17.95
C VAL B 94 24.24 9.15 16.95
N TYR B 95 24.77 10.33 17.35
CA TYR B 95 24.75 11.51 16.49
C TYR B 95 25.96 11.59 15.55
N GLU B 96 27.19 11.26 16.01
CA GLU B 96 28.36 11.30 15.11
C GLU B 96 28.36 10.06 14.22
N SER B 97 28.24 10.24 12.89
CA SER B 97 28.14 9.14 11.92
C SER B 97 29.53 8.72 11.42
N LYS B 98 30.08 7.63 12.00
CA LYS B 98 31.40 7.10 11.62
C LYS B 98 31.28 6.16 10.42
N VAL B 99 32.33 6.10 9.59
CA VAL B 99 32.41 5.20 8.43
C VAL B 99 33.54 4.24 8.73
N ILE B 100 33.22 2.94 8.86
CA ILE B 100 34.20 1.90 9.20
C ILE B 100 34.47 1.04 7.96
N GLU B 101 35.74 0.72 7.68
CA GLU B 101 36.12 -0.09 6.52
C GLU B 101 37.22 -1.07 6.86
N HIS B 102 37.07 -2.33 6.41
CA HIS B 102 38.09 -3.35 6.57
C HIS B 102 37.89 -4.45 5.53
N THR B 103 39.00 -5.06 5.06
CA THR B 103 38.95 -6.15 4.09
C THR B 103 38.57 -7.43 4.81
N ILE B 104 37.97 -8.37 4.09
CA ILE B 104 37.60 -9.68 4.62
C ILE B 104 37.90 -10.71 3.55
N THR B 105 38.66 -11.75 3.88
CA THR B 105 38.97 -12.79 2.90
C THR B 105 38.03 -13.95 3.13
N ILE B 106 37.12 -14.17 2.20
CA ILE B 106 36.12 -15.23 2.36
C ILE B 106 36.73 -16.50 1.77
N PRO B 107 36.78 -17.62 2.54
CA PRO B 107 37.39 -18.84 2.01
C PRO B 107 36.57 -19.48 0.90
N PRO B 108 37.16 -20.40 0.14
CA PRO B 108 36.41 -21.04 -0.95
C PRO B 108 35.29 -21.95 -0.43
N THR B 109 34.23 -22.14 -1.24
CA THR B 109 33.03 -22.92 -0.94
C THR B 109 32.52 -22.55 0.47
N SER B 110 32.37 -21.24 0.71
CA SER B 110 31.85 -20.69 1.97
C SER B 110 31.06 -19.42 1.70
N LYS B 111 30.29 -18.99 2.70
CA LYS B 111 29.43 -17.83 2.66
C LYS B 111 29.79 -16.88 3.80
N PHE B 112 30.09 -15.61 3.50
CA PHE B 112 30.38 -14.58 4.49
C PHE B 112 29.08 -13.82 4.72
N THR B 113 28.66 -13.63 5.97
CA THR B 113 27.44 -12.89 6.29
C THR B 113 27.73 -11.86 7.37
N ARG B 114 27.35 -10.59 7.14
CA ARG B 114 27.51 -9.51 8.09
C ARG B 114 26.16 -9.15 8.64
N TRP B 115 25.90 -9.46 9.92
CA TRP B 115 24.62 -9.12 10.54
C TRP B 115 24.70 -7.66 10.97
N GLN B 116 23.62 -6.91 10.77
CA GLN B 116 23.55 -5.47 11.06
C GLN B 116 22.43 -5.17 12.06
N LEU B 117 22.77 -4.62 13.23
CA LEU B 117 21.77 -4.26 14.25
C LEU B 117 21.36 -2.79 14.07
N ASN B 118 20.04 -2.53 13.93
CA ASN B 118 19.51 -1.19 13.77
C ASN B 118 18.41 -0.95 14.78
N ALA B 119 18.24 0.31 15.18
CA ALA B 119 17.18 0.75 16.10
C ALA B 119 16.40 1.85 15.44
N ASP B 120 15.11 1.97 15.77
CA ASP B 120 14.24 2.98 15.20
C ASP B 120 13.58 3.76 16.33
N VAL B 121 14.20 4.87 16.73
CA VAL B 121 13.70 5.73 17.80
C VAL B 121 12.73 6.75 17.17
N GLY B 122 11.47 6.35 17.01
CA GLY B 122 10.42 7.18 16.43
C GLY B 122 10.75 7.81 15.08
N GLY B 123 11.23 7.01 14.14
CA GLY B 123 11.65 7.50 12.83
C GLY B 123 13.15 7.57 12.68
N ALA B 124 13.88 7.90 13.77
CA ALA B 124 15.34 8.01 13.74
C ALA B 124 15.98 6.65 13.52
N ASP B 125 16.37 6.37 12.27
CA ASP B 125 16.98 5.08 11.90
C ASP B 125 18.45 5.09 12.24
N ILE B 126 18.79 4.50 13.40
CA ILE B 126 20.17 4.40 13.87
C ILE B 126 20.79 3.16 13.25
N GLU B 127 21.71 3.36 12.30
CA GLU B 127 22.38 2.26 11.60
C GLU B 127 23.53 1.66 12.42
N TYR B 128 23.81 0.37 12.15
CA TYR B 128 24.89 -0.43 12.75
C TYR B 128 25.16 -0.11 14.23
N MET B 129 24.21 -0.42 15.11
CA MET B 129 24.41 -0.24 16.55
C MET B 129 25.44 -1.24 17.05
N TYR B 130 25.47 -2.40 16.39
CA TYR B 130 26.41 -3.47 16.65
C TYR B 130 26.55 -4.33 15.40
N LEU B 131 27.52 -5.24 15.41
CA LEU B 131 27.84 -6.07 14.26
C LEU B 131 28.30 -7.47 14.66
N ILE B 132 27.80 -8.49 13.95
CA ILE B 132 28.21 -9.88 14.08
C ILE B 132 28.50 -10.35 12.67
N ASP B 133 29.73 -10.74 12.31
CA ASP B 133 29.96 -11.25 10.94
C ASP B 133 30.48 -12.68 11.02
N GLU B 134 29.72 -13.59 10.37
CA GLU B 134 29.93 -15.03 10.39
C GLU B 134 30.29 -15.60 9.01
N VAL B 135 31.24 -16.55 8.98
CA VAL B 135 31.63 -17.30 7.79
C VAL B 135 31.08 -18.71 7.97
N THR B 136 30.23 -19.18 7.05
CA THR B 136 29.59 -20.49 7.09
C THR B 136 29.91 -21.24 5.79
N PRO B 137 30.28 -22.55 5.86
CA PRO B 137 30.55 -23.25 4.60
C PRO B 137 29.25 -23.49 3.83
N ILE B 138 29.33 -23.61 2.51
CA ILE B 138 28.15 -23.92 1.70
C ILE B 138 28.05 -25.46 1.69
N GLY B 139 26.96 -26.10 2.13
CA GLY B 139 25.71 -25.52 2.62
C GLY B 139 25.50 -25.83 4.09
N GLY B 140 26.12 -25.02 4.94
CA GLY B 140 26.04 -25.16 6.38
C GLY B 140 24.87 -24.39 6.95
N THR B 141 24.69 -24.50 8.28
CA THR B 141 23.62 -23.82 9.00
C THR B 141 24.17 -22.55 9.63
N GLN B 142 23.33 -21.51 9.66
CA GLN B 142 23.69 -20.20 10.19
C GLN B 142 23.13 -19.98 11.58
N SER B 143 23.86 -19.20 12.39
CA SER B 143 23.41 -18.79 13.71
C SER B 143 22.77 -17.43 13.51
N ILE B 144 21.44 -17.37 13.47
CA ILE B 144 20.70 -16.13 13.22
C ILE B 144 20.58 -15.27 14.51
N PRO B 145 21.11 -14.02 14.54
CA PRO B 145 20.97 -13.19 15.75
C PRO B 145 19.57 -12.62 15.84
N GLN B 146 19.12 -12.32 17.05
CA GLN B 146 17.78 -11.79 17.21
C GLN B 146 17.68 -10.96 18.49
N VAL B 147 16.89 -9.88 18.44
CA VAL B 147 16.77 -8.92 19.52
C VAL B 147 15.72 -9.39 20.56
N ILE B 148 16.04 -9.16 21.86
CA ILE B 148 15.20 -9.51 23.01
C ILE B 148 14.52 -8.26 23.56
N THR B 149 15.33 -7.24 23.88
CA THR B 149 14.84 -5.99 24.47
C THR B 149 15.53 -4.80 23.84
N SER B 150 14.76 -3.81 23.38
CA SER B 150 15.29 -2.58 22.81
C SER B 150 14.61 -1.41 23.51
N ARG B 151 15.41 -0.54 24.14
CA ARG B 151 14.96 0.64 24.86
C ARG B 151 15.86 1.83 24.56
N ALA B 152 15.43 3.03 24.92
CA ALA B 152 16.26 4.23 24.71
C ALA B 152 15.83 5.36 25.60
N LYS B 153 16.79 6.00 26.27
CA LYS B 153 16.52 7.17 27.11
C LYS B 153 16.39 8.35 26.17
N ILE B 154 15.36 9.20 26.35
CA ILE B 154 15.14 10.35 25.46
C ILE B 154 14.68 11.55 26.27
N ILE B 155 15.18 12.74 25.89
CA ILE B 155 14.92 13.99 26.56
C ILE B 155 13.81 14.73 25.82
N VAL B 156 12.74 15.08 26.56
CA VAL B 156 11.56 15.78 26.04
C VAL B 156 11.19 16.94 26.95
N GLY B 157 10.30 17.81 26.47
CA GLY B 157 9.81 18.96 27.22
C GLY B 157 9.12 18.56 28.51
N ARG B 158 9.37 19.33 29.59
CA ARG B 158 8.83 19.03 30.91
C ARG B 158 7.31 19.04 30.89
N GLN B 159 6.72 18.11 31.64
CA GLN B 159 5.28 17.94 31.72
C GLN B 159 4.58 19.15 32.35
N ILE B 160 3.53 19.65 31.69
CA ILE B 160 2.72 20.78 32.16
C ILE B 160 1.63 20.22 33.06
N ILE B 161 1.69 20.50 34.37
CA ILE B 161 0.69 20.02 35.32
C ILE B 161 -0.48 21.00 35.26
N LEU B 162 -1.68 20.50 34.93
CA LEU B 162 -2.86 21.35 34.81
C LEU B 162 -3.24 21.89 36.19
N GLY B 163 -3.32 23.22 36.29
CA GLY B 163 -3.66 23.92 37.52
C GLY B 163 -2.48 24.42 38.35
N LYS B 164 -1.26 23.88 38.14
CA LYS B 164 -0.06 24.27 38.88
C LYS B 164 0.93 25.04 37.99
N THR B 165 1.40 24.39 36.91
CA THR B 165 2.45 24.94 36.03
C THR B 165 2.07 26.26 35.36
N GLU B 166 2.85 27.32 35.67
CA GLU B 166 2.70 28.63 35.04
C GLU B 166 3.40 28.58 33.69
N ILE B 167 2.74 29.07 32.62
CA ILE B 167 3.30 29.03 31.26
C ILE B 167 3.13 30.37 30.55
N ARG B 168 3.75 30.47 29.37
CA ARG B 168 3.62 31.61 28.46
C ARG B 168 3.12 31.06 27.14
N ILE B 169 2.19 31.77 26.49
CA ILE B 169 1.63 31.33 25.21
C ILE B 169 2.18 32.24 24.11
N LYS B 170 3.15 31.72 23.33
CA LYS B 170 3.79 32.46 22.24
C LYS B 170 3.24 32.02 20.89
N HIS B 171 3.08 32.97 19.95
CA HIS B 171 2.62 32.68 18.60
C HIS B 171 3.75 32.00 17.84
N ALA B 172 3.44 30.96 17.06
CA ALA B 172 4.47 30.22 16.32
C ALA B 172 5.05 31.02 15.16
N GLU B 173 4.20 31.70 14.37
CA GLU B 173 4.65 32.45 13.20
C GLU B 173 5.24 33.82 13.58
N ARG B 174 4.50 34.64 14.34
CA ARG B 174 4.97 35.99 14.72
C ARG B 174 6.05 35.97 15.82
N LYS B 175 6.12 34.90 16.64
CA LYS B 175 7.10 34.76 17.74
C LYS B 175 6.93 35.90 18.77
N GLU B 176 5.70 36.06 19.28
CA GLU B 176 5.34 37.08 20.27
C GLU B 176 4.39 36.50 21.32
N TYR B 177 4.60 36.86 22.59
CA TYR B 177 3.81 36.35 23.72
C TYR B 177 2.44 36.98 23.80
N MET B 178 1.46 36.22 24.31
CA MET B 178 0.10 36.70 24.50
C MET B 178 0.07 37.56 25.76
N THR B 179 -0.25 38.85 25.63
CA THR B 179 -0.35 39.79 26.75
C THR B 179 -1.81 40.15 26.98
N VAL B 180 -2.14 40.74 28.13
CA VAL B 180 -3.49 41.15 28.52
C VAL B 180 -3.54 42.69 28.66
N VAL B 181 -4.52 43.33 27.99
CA VAL B 181 -4.72 44.78 28.03
C VAL B 181 -6.25 45.07 28.09
N SER B 182 -6.65 46.26 28.59
CA SER B 182 -8.06 46.57 28.74
C SER B 182 -8.72 47.11 27.47
N ARG B 183 -9.32 46.24 26.65
CA ARG B 183 -10.09 46.68 25.48
C ARG B 183 -11.48 47.05 25.97
N LYS B 184 -11.98 48.24 25.59
CA LYS B 184 -13.29 48.76 25.99
C LYS B 184 -13.42 48.94 27.52
N SER B 185 -13.58 47.84 28.32
CA SER B 185 -13.76 47.96 29.77
C SER B 185 -13.25 46.77 30.65
N TRP B 186 -12.95 45.58 30.08
CA TRP B 186 -12.51 44.39 30.82
C TRP B 186 -11.19 43.89 30.21
N PRO B 187 -10.47 42.91 30.82
CA PRO B 187 -9.17 42.50 30.24
C PRO B 187 -9.36 41.71 28.95
N ALA B 188 -8.56 42.05 27.93
CA ALA B 188 -8.58 41.45 26.61
C ALA B 188 -7.18 41.03 26.18
N ALA B 189 -7.08 39.90 25.49
CA ALA B 189 -5.78 39.39 25.04
C ALA B 189 -5.28 40.15 23.82
N THR B 190 -3.97 40.46 23.81
CA THR B 190 -3.25 41.14 22.72
C THR B 190 -1.89 40.42 22.57
N LEU B 191 -1.07 40.84 21.59
CA LEU B 191 0.22 40.19 21.33
C LEU B 191 1.37 41.21 21.47
N GLY B 192 2.32 40.90 22.35
CA GLY B 192 3.49 41.73 22.62
C GLY B 192 4.74 40.93 22.91
N HIS B 193 5.80 41.61 23.39
CA HIS B 193 7.09 41.00 23.72
C HIS B 193 7.30 40.79 25.23
N SER B 194 6.34 41.19 26.10
CA SER B 194 6.49 41.08 27.55
C SER B 194 6.50 39.62 28.04
N LYS B 195 7.55 39.26 28.80
CA LYS B 195 7.70 37.93 29.40
C LYS B 195 7.04 37.87 30.80
N LEU B 196 6.63 39.03 31.36
CA LEU B 196 6.00 39.08 32.69
C LEU B 196 4.60 38.45 32.71
N PHE B 197 3.93 38.39 31.56
CA PHE B 197 2.56 37.89 31.47
C PHE B 197 2.52 36.37 31.29
N LYS B 198 2.08 35.67 32.35
CA LYS B 198 1.98 34.21 32.43
C LYS B 198 0.52 33.76 32.46
N PHE B 199 0.30 32.45 32.24
CA PHE B 199 -1.01 31.80 32.28
C PHE B 199 -0.91 30.46 32.98
N VAL B 200 -2.05 29.80 33.22
CA VAL B 200 -2.08 28.46 33.83
C VAL B 200 -3.29 27.72 33.23
N LEU B 201 -3.05 26.51 32.69
CA LEU B 201 -4.08 25.72 32.01
C LEU B 201 -4.82 24.76 32.96
N TYR B 202 -6.12 24.53 32.67
CA TYR B 202 -7.00 23.62 33.41
C TYR B 202 -7.77 22.75 32.45
N GLU B 203 -8.38 21.66 32.93
CA GLU B 203 -9.22 20.78 32.10
C GLU B 203 -10.36 20.22 32.93
N ASP B 204 -11.60 20.44 32.46
CA ASP B 204 -12.83 19.94 33.11
C ASP B 204 -13.70 19.25 32.04
N TRP B 205 -14.89 18.79 32.45
CA TRP B 205 -15.90 18.15 31.60
C TRP B 205 -16.25 18.93 30.31
N GLY B 206 -16.19 20.26 30.38
CA GLY B 206 -16.49 21.14 29.25
C GLY B 206 -15.31 21.42 28.33
N GLY B 207 -14.09 21.23 28.81
CA GLY B 207 -12.87 21.43 28.02
C GLY B 207 -11.74 22.10 28.75
N PHE B 208 -10.76 22.61 27.99
CA PHE B 208 -9.59 23.31 28.53
C PHE B 208 -9.87 24.79 28.75
N ARG B 209 -9.20 25.41 29.74
CA ARG B 209 -9.35 26.83 30.04
C ARG B 209 -8.00 27.53 30.12
N ILE B 210 -7.94 28.82 29.72
CA ILE B 210 -6.71 29.62 29.71
C ILE B 210 -6.82 30.72 30.79
N LYS B 211 -6.46 30.41 32.04
CA LYS B 211 -6.50 31.39 33.14
C LYS B 211 -5.27 32.29 33.09
N THR B 212 -5.45 33.62 33.21
CA THR B 212 -4.33 34.58 33.24
C THR B 212 -4.02 34.90 34.69
N LEU B 213 -2.72 35.02 35.01
CA LEU B 213 -2.24 35.35 36.35
C LEU B 213 -1.89 36.85 36.46
N ASN B 214 -2.11 37.63 35.37
CA ASN B 214 -1.84 39.07 35.32
C ASN B 214 -3.11 39.82 34.94
N THR B 215 -4.21 39.55 35.65
CA THR B 215 -5.48 40.22 35.38
C THR B 215 -5.47 41.66 35.88
N MET B 216 -6.15 42.56 35.16
CA MET B 216 -6.25 43.98 35.49
C MET B 216 -7.37 44.18 36.49
N TYR B 217 -8.53 43.54 36.24
CA TYR B 217 -9.72 43.57 37.09
C TYR B 217 -9.85 42.19 37.74
N SER B 218 -9.61 42.09 39.07
CA SER B 218 -9.63 40.83 39.82
C SER B 218 -10.93 40.03 39.64
N GLY B 219 -10.78 38.73 39.41
CA GLY B 219 -11.89 37.81 39.17
C GLY B 219 -12.04 37.44 37.71
N TYR B 220 -11.97 38.44 36.82
CA TYR B 220 -12.10 38.27 35.37
C TYR B 220 -10.77 37.72 34.85
N GLU B 221 -10.63 36.38 34.79
CA GLU B 221 -9.35 35.73 34.44
C GLU B 221 -9.38 34.58 33.41
N TYR B 222 -10.54 33.95 33.11
CA TYR B 222 -10.58 32.83 32.16
C TYR B 222 -10.86 33.34 30.76
N ALA B 223 -9.96 33.02 29.79
CA ALA B 223 -10.07 33.48 28.39
C ALA B 223 -11.33 32.96 27.71
N TYR B 224 -12.07 33.85 27.04
CA TYR B 224 -13.29 33.48 26.33
C TYR B 224 -13.45 34.24 25.02
N SER B 225 -14.28 33.69 24.13
CA SER B 225 -14.56 34.25 22.81
C SER B 225 -15.87 35.03 22.85
N SER B 226 -15.84 36.30 22.44
CA SER B 226 -17.03 37.15 22.40
C SER B 226 -17.78 36.92 21.08
N ASP B 227 -18.99 37.49 20.98
CA ASP B 227 -19.80 37.37 19.76
C ASP B 227 -19.14 38.12 18.60
N GLN B 228 -18.57 39.30 18.88
CA GLN B 228 -17.82 40.13 17.91
C GLN B 228 -16.56 39.43 17.33
N GLY B 229 -16.03 38.41 18.04
CA GLY B 229 -14.87 37.64 17.60
C GLY B 229 -13.67 37.75 18.52
N GLY B 230 -13.51 38.91 19.14
CA GLY B 230 -12.39 39.21 20.04
C GLY B 230 -12.28 38.33 21.26
N ILE B 231 -11.09 38.32 21.87
CA ILE B 231 -10.78 37.54 23.06
C ILE B 231 -10.84 38.44 24.27
N TYR B 232 -11.49 37.97 25.34
CA TYR B 232 -11.61 38.67 26.61
C TYR B 232 -11.44 37.66 27.73
N PHE B 233 -11.17 38.12 28.95
CA PHE B 233 -11.03 37.25 30.13
C PHE B 233 -12.23 37.49 31.04
N ASP B 234 -12.96 36.42 31.43
CA ASP B 234 -14.17 36.48 32.26
C ASP B 234 -14.04 35.62 33.51
N GLN B 235 -14.97 35.79 34.47
CA GLN B 235 -15.03 35.01 35.70
C GLN B 235 -15.36 33.55 35.40
N GLY B 236 -15.01 32.67 36.34
CA GLY B 236 -15.25 31.23 36.23
C GLY B 236 -16.71 30.88 36.08
N THR B 237 -17.05 30.23 34.97
CA THR B 237 -18.41 29.79 34.64
C THR B 237 -18.39 28.49 33.85
N ASP B 238 -19.53 27.81 33.76
CA ASP B 238 -19.67 26.58 32.97
C ASP B 238 -19.80 26.89 31.46
N ASN B 239 -20.04 28.17 31.10
CA ASN B 239 -20.18 28.69 29.73
C ASN B 239 -19.13 28.07 28.78
N PRO B 240 -19.56 27.38 27.69
CA PRO B 240 -18.56 26.79 26.78
C PRO B 240 -17.78 27.81 25.96
N LYS B 241 -18.19 29.10 25.95
CA LYS B 241 -17.42 30.15 25.27
C LYS B 241 -16.04 30.35 25.92
N GLN B 242 -15.89 30.05 27.24
CA GLN B 242 -14.59 30.15 27.92
C GLN B 242 -13.85 28.79 27.99
N ARG B 243 -14.41 27.72 27.36
CA ARG B 243 -13.80 26.39 27.25
C ARG B 243 -13.10 26.31 25.90
N TRP B 244 -12.03 25.55 25.82
CA TRP B 244 -11.24 25.40 24.60
C TRP B 244 -10.88 23.94 24.37
N ALA B 245 -10.49 23.62 23.13
CA ALA B 245 -10.09 22.28 22.69
C ALA B 245 -8.66 22.32 22.18
N ILE B 246 -7.78 21.50 22.77
CA ILE B 246 -6.36 21.45 22.39
C ILE B 246 -6.11 20.19 21.56
N ASN B 247 -5.58 20.36 20.33
CA ASN B 247 -5.29 19.28 19.38
C ASN B 247 -4.39 18.17 19.95
N LYS B 248 -3.36 18.52 20.72
CA LYS B 248 -2.44 17.53 21.29
C LYS B 248 -3.07 16.81 22.49
N SER B 249 -2.85 15.49 22.59
CA SER B 249 -3.37 14.66 23.67
C SER B 249 -2.59 14.91 24.96
N LEU B 250 -3.17 14.56 26.11
CA LEU B 250 -2.51 14.73 27.41
C LEU B 250 -1.45 13.63 27.62
N PRO B 251 -0.41 13.86 28.44
CA PRO B 251 -0.10 15.09 29.17
C PRO B 251 0.63 16.11 28.28
N LEU B 252 0.26 17.40 28.42
CA LEU B 252 0.90 18.47 27.63
C LEU B 252 2.33 18.66 28.12
N ARG B 253 3.20 19.17 27.25
CA ARG B 253 4.61 19.34 27.57
C ARG B 253 5.13 20.70 27.09
N HIS B 254 6.29 21.10 27.64
CA HIS B 254 6.98 22.35 27.30
C HIS B 254 7.39 22.36 25.83
N GLY B 255 7.25 23.51 25.17
CA GLY B 255 7.58 23.67 23.77
C GLY B 255 6.64 22.98 22.78
N ASP B 256 5.44 22.54 23.24
CA ASP B 256 4.49 21.86 22.36
C ASP B 256 3.77 22.87 21.51
N VAL B 257 3.73 22.66 20.19
CA VAL B 257 3.03 23.54 19.26
C VAL B 257 1.57 23.08 19.23
N VAL B 258 0.67 23.86 19.86
CA VAL B 258 -0.76 23.53 19.98
C VAL B 258 -1.65 24.55 19.29
N THR B 259 -2.94 24.22 19.15
CA THR B 259 -3.95 25.07 18.53
C THR B 259 -5.20 25.02 19.42
N PHE B 260 -5.78 26.20 19.75
CA PHE B 260 -6.96 26.30 20.63
C PHE B 260 -8.24 26.54 19.84
N MET B 261 -9.14 25.54 19.81
CA MET B 261 -10.43 25.64 19.14
C MET B 261 -11.53 25.84 20.19
N ASN B 262 -12.37 26.88 20.02
CA ASN B 262 -13.44 27.19 20.97
C ASN B 262 -14.49 26.10 20.98
N LYS B 263 -15.00 25.73 22.17
CA LYS B 263 -16.00 24.67 22.30
C LYS B 263 -17.39 25.13 21.90
N TYR B 264 -17.74 26.42 22.13
CA TYR B 264 -19.05 26.94 21.71
C TYR B 264 -19.04 27.16 20.19
N PHE B 265 -18.06 27.94 19.71
CA PHE B 265 -17.85 28.20 18.29
C PHE B 265 -16.89 27.12 17.74
N THR B 266 -17.43 25.93 17.43
CA THR B 266 -16.66 24.75 16.98
C THR B 266 -15.65 25.05 15.85
N ARG B 267 -16.11 25.63 14.72
CA ARG B 267 -15.22 25.95 13.57
C ARG B 267 -14.20 27.04 13.92
N SER B 268 -14.60 28.02 14.75
CA SER B 268 -13.75 29.13 15.13
C SER B 268 -12.63 28.71 16.09
N GLY B 269 -11.42 29.23 15.87
CA GLY B 269 -10.24 28.93 16.69
C GLY B 269 -9.37 30.15 16.96
N LEU B 270 -8.60 30.09 18.07
CA LEU B 270 -7.73 31.19 18.52
C LEU B 270 -6.67 31.52 17.46
N CYS B 271 -6.57 32.81 17.07
CA CYS B 271 -5.63 33.24 16.04
C CYS B 271 -5.26 34.73 16.17
N TYR B 272 -4.35 35.18 15.30
CA TYR B 272 -3.91 36.57 15.23
C TYR B 272 -4.71 37.29 14.14
N ASP B 273 -5.22 38.49 14.44
CA ASP B 273 -5.94 39.31 13.46
C ASP B 273 -5.98 40.74 13.97
N ASP B 274 -5.13 41.62 13.40
CA ASP B 274 -5.01 43.03 13.81
C ASP B 274 -6.35 43.78 13.70
N GLY B 275 -7.02 43.91 14.85
CA GLY B 275 -8.30 44.60 14.98
C GLY B 275 -8.11 46.07 15.33
N PRO B 276 -9.13 46.73 15.92
CA PRO B 276 -8.99 48.16 16.27
C PRO B 276 -7.96 48.40 17.38
N ALA B 277 -8.10 47.72 18.53
CA ALA B 277 -7.20 47.88 19.68
C ALA B 277 -6.31 46.64 19.86
N THR B 278 -6.92 45.46 20.02
CA THR B 278 -6.20 44.20 20.23
C THR B 278 -5.91 43.50 18.90
N ASN B 279 -5.13 42.40 18.94
CA ASN B 279 -4.78 41.62 17.75
C ASN B 279 -4.87 40.08 17.97
N VAL B 280 -5.41 39.60 19.12
CA VAL B 280 -5.62 38.17 19.38
C VAL B 280 -7.13 37.94 19.31
N TYR B 281 -7.58 37.22 18.28
CA TYR B 281 -8.99 36.99 17.98
C TYR B 281 -9.32 35.52 17.76
N CYS B 282 -10.59 35.16 17.91
CA CYS B 282 -11.10 33.81 17.64
C CYS B 282 -12.03 33.91 16.42
N LEU B 283 -11.52 33.53 15.22
CA LEU B 283 -12.27 33.66 13.96
C LEU B 283 -12.57 32.31 13.28
N ASP B 284 -13.69 32.27 12.52
CA ASP B 284 -14.18 31.09 11.80
C ASP B 284 -13.15 30.54 10.80
N LYS B 285 -13.02 29.19 10.75
CA LYS B 285 -12.11 28.45 9.86
C LYS B 285 -10.61 28.86 10.02
N ARG B 286 -10.21 29.43 11.17
CA ARG B 286 -8.83 29.83 11.44
C ARG B 286 -8.33 29.15 12.70
N GLU B 287 -7.12 28.58 12.64
CA GLU B 287 -6.51 27.88 13.76
C GLU B 287 -4.99 28.05 13.72
N ASP B 288 -4.52 29.23 14.15
CA ASP B 288 -3.08 29.54 14.17
C ASP B 288 -2.37 28.72 15.22
N LYS B 289 -1.09 28.45 15.00
CA LYS B 289 -0.28 27.64 15.91
C LYS B 289 0.27 28.47 17.08
N TRP B 290 0.18 27.92 18.30
CA TRP B 290 0.66 28.53 19.55
C TRP B 290 1.61 27.61 20.28
N ILE B 291 2.72 28.12 20.81
CA ILE B 291 3.70 27.30 21.51
C ILE B 291 3.54 27.46 23.03
N LEU B 292 3.48 26.33 23.76
CA LEU B 292 3.40 26.32 25.21
C LEU B 292 4.81 26.39 25.76
N GLU B 293 5.11 27.43 26.55
CA GLU B 293 6.44 27.64 27.12
C GLU B 293 6.37 27.69 28.64
N VAL B 294 6.97 26.67 29.31
CA VAL B 294 6.98 26.58 30.77
C VAL B 294 7.93 27.64 31.33
N VAL B 295 7.50 28.22 32.47
CA VAL B 295 8.18 29.31 33.14
C VAL B 295 9.18 28.80 34.18
N GLY B 296 10.15 29.66 34.41
CA GLY B 296 11.27 29.47 35.34
C GLY B 296 12.47 30.25 34.79
N LEU B 297 12.22 31.53 34.39
CA LEU B 297 13.20 32.40 33.73
C LEU B 297 12.61 33.80 33.53
N GLY C 7 24.78 -59.60 13.28
CA GLY C 7 23.66 -60.13 12.51
C GLY C 7 23.28 -59.26 11.33
N TYR C 8 24.26 -58.98 10.46
CA TYR C 8 24.11 -58.16 9.25
C TYR C 8 24.74 -58.91 8.05
N GLU C 9 24.58 -58.42 6.81
CA GLU C 9 25.21 -59.07 5.64
C GLU C 9 25.70 -58.05 4.61
N GLN C 10 26.87 -58.34 3.99
CA GLN C 10 27.49 -57.48 2.99
C GLN C 10 27.08 -57.91 1.58
N ILE C 11 26.80 -56.93 0.70
CA ILE C 11 26.42 -57.19 -0.70
C ILE C 11 27.13 -56.21 -1.62
N GLU C 12 27.79 -56.72 -2.69
CA GLU C 12 28.40 -55.85 -3.70
C GLU C 12 27.32 -55.47 -4.66
N VAL C 13 27.12 -54.16 -4.86
CA VAL C 13 26.06 -53.64 -5.72
C VAL C 13 26.62 -52.61 -6.70
N ASP C 14 26.01 -52.54 -7.89
CA ASP C 14 26.42 -51.59 -8.92
C ASP C 14 25.87 -50.20 -8.58
N VAL C 15 26.78 -49.22 -8.48
CA VAL C 15 26.53 -47.84 -8.11
C VAL C 15 26.86 -46.96 -9.31
N VAL C 16 26.30 -45.74 -9.36
CA VAL C 16 26.58 -44.82 -10.46
C VAL C 16 27.67 -43.83 -10.04
N ALA C 17 28.64 -43.57 -10.91
CA ALA C 17 29.69 -42.59 -10.66
C ALA C 17 29.85 -41.67 -11.85
N VAL C 18 30.50 -40.51 -11.66
CA VAL C 18 30.63 -39.53 -12.74
C VAL C 18 31.87 -38.69 -12.61
N TRP C 19 32.40 -38.30 -13.76
CA TRP C 19 33.53 -37.41 -13.85
C TRP C 19 33.00 -36.03 -14.12
N LYS C 20 33.19 -35.14 -13.17
CA LYS C 20 32.81 -33.73 -13.25
C LYS C 20 34.07 -32.93 -13.59
N GLU C 21 33.92 -31.66 -13.94
CA GLU C 21 35.05 -30.75 -14.18
C GLU C 21 35.20 -29.94 -12.88
N GLY C 22 35.94 -30.51 -11.93
CA GLY C 22 36.12 -29.96 -10.59
C GLY C 22 36.61 -28.53 -10.47
N TYR C 23 37.50 -28.13 -11.38
CA TYR C 23 38.05 -26.77 -11.43
C TYR C 23 38.74 -26.59 -12.75
N VAL C 24 38.77 -25.37 -13.26
CA VAL C 24 39.47 -25.10 -14.51
C VAL C 24 39.91 -23.63 -14.52
N TYR C 25 41.17 -23.40 -14.92
CA TYR C 25 41.77 -22.07 -15.03
C TYR C 25 42.50 -22.02 -16.36
N GLU C 26 42.39 -20.89 -17.07
CA GLU C 26 43.03 -20.69 -18.35
C GLU C 26 43.99 -19.50 -18.28
N ASN C 27 45.29 -19.78 -18.36
CA ASN C 27 46.35 -18.76 -18.32
C ASN C 27 46.76 -18.42 -19.76
N ARG C 28 46.23 -17.33 -20.29
CA ARG C 28 46.51 -16.86 -21.66
C ARG C 28 47.61 -15.76 -21.67
N GLY C 29 48.19 -15.48 -20.49
CA GLY C 29 49.32 -14.56 -20.38
C GLY C 29 50.65 -15.19 -20.75
N SER C 30 51.72 -14.39 -20.71
CA SER C 30 53.08 -14.81 -21.04
C SER C 30 53.91 -15.15 -19.79
N THR C 31 53.29 -15.05 -18.59
CA THR C 31 53.92 -15.39 -17.31
C THR C 31 53.11 -16.48 -16.61
N SER C 32 53.77 -17.31 -15.80
CA SER C 32 53.12 -18.39 -15.07
C SER C 32 52.29 -17.81 -13.91
N VAL C 33 51.17 -18.49 -13.55
CA VAL C 33 50.27 -18.05 -12.48
C VAL C 33 50.14 -19.11 -11.40
N ASP C 34 50.13 -18.67 -10.12
CA ASP C 34 49.96 -19.51 -8.94
C ASP C 34 48.50 -19.45 -8.50
N GLN C 35 47.89 -20.60 -8.19
CA GLN C 35 46.50 -20.67 -7.75
C GLN C 35 46.33 -21.65 -6.60
N LYS C 36 45.70 -21.23 -5.49
CA LYS C 36 45.46 -22.09 -4.32
C LYS C 36 44.08 -22.76 -4.41
N ILE C 37 44.05 -23.94 -5.06
CA ILE C 37 42.82 -24.72 -5.25
C ILE C 37 42.56 -25.60 -4.02
N THR C 38 41.33 -25.57 -3.50
CA THR C 38 40.93 -26.33 -2.31
C THR C 38 39.70 -27.17 -2.64
N ILE C 39 39.69 -28.43 -2.18
CA ILE C 39 38.63 -29.42 -2.42
C ILE C 39 38.24 -30.09 -1.12
N THR C 40 37.14 -30.85 -1.12
CA THR C 40 36.65 -31.58 0.05
C THR C 40 36.35 -33.03 -0.34
N LYS C 41 37.20 -33.96 0.10
CA LYS C 41 37.05 -35.38 -0.15
C LYS C 41 36.09 -35.99 0.87
N GLY C 42 35.40 -37.07 0.49
CA GLY C 42 34.46 -37.77 1.36
C GLY C 42 33.00 -37.44 1.14
N MET C 43 32.13 -38.19 1.83
CA MET C 43 30.67 -38.08 1.75
C MET C 43 30.17 -36.71 2.20
N LYS C 44 29.22 -36.12 1.43
CA LYS C 44 28.63 -34.82 1.71
C LYS C 44 27.57 -34.93 2.81
N ASN C 45 27.52 -33.92 3.71
CA ASN C 45 26.57 -33.84 4.83
C ASN C 45 26.51 -35.18 5.61
N VAL C 46 27.69 -35.72 5.90
CA VAL C 46 27.86 -36.99 6.61
C VAL C 46 27.51 -36.82 8.10
N ASN C 47 26.84 -37.84 8.68
CA ASN C 47 26.45 -37.83 10.09
C ASN C 47 27.65 -38.23 10.95
N SER C 48 27.97 -37.44 11.97
CA SER C 48 29.12 -37.68 12.86
C SER C 48 28.91 -38.88 13.79
N GLU C 49 27.69 -39.04 14.35
CA GLU C 49 27.38 -40.11 15.30
C GLU C 49 27.26 -41.49 14.66
N THR C 50 26.43 -41.61 13.61
CA THR C 50 26.15 -42.90 12.97
C THR C 50 26.71 -42.99 11.55
N ARG C 51 27.06 -44.23 11.15
CA ARG C 51 27.55 -44.55 9.82
C ARG C 51 26.38 -45.07 8.95
N THR C 52 25.19 -45.33 9.56
CA THR C 52 24.02 -45.83 8.84
C THR C 52 23.43 -44.74 7.95
N VAL C 53 23.28 -45.05 6.65
CA VAL C 53 22.76 -44.15 5.62
C VAL C 53 21.38 -44.61 5.18
N THR C 54 20.37 -43.72 5.22
CA THR C 54 19.04 -44.01 4.70
C THR C 54 19.04 -43.58 3.23
N ALA C 55 18.47 -44.42 2.36
CA ALA C 55 18.48 -44.18 0.92
C ALA C 55 17.49 -43.09 0.49
N THR C 56 17.93 -42.19 -0.41
CA THR C 56 17.06 -41.18 -1.02
C THR C 56 16.55 -41.73 -2.36
N HIS C 57 17.22 -42.78 -2.90
CA HIS C 57 16.79 -43.47 -4.12
C HIS C 57 17.39 -44.90 -4.15
N SER C 58 16.91 -45.74 -5.08
CA SER C 58 17.31 -47.13 -5.18
C SER C 58 18.74 -47.37 -5.65
N ILE C 59 19.26 -48.57 -5.33
CA ILE C 59 20.56 -49.09 -5.77
C ILE C 59 20.28 -50.46 -6.38
N GLY C 60 19.76 -50.44 -7.60
CA GLY C 60 19.42 -51.66 -8.33
C GLY C 60 18.26 -52.42 -7.72
N SER C 61 18.45 -53.73 -7.52
CA SER C 61 17.43 -54.65 -7.00
C SER C 61 17.44 -54.75 -5.47
N THR C 62 18.61 -54.65 -4.83
CA THR C 62 18.74 -54.83 -3.38
C THR C 62 18.21 -53.67 -2.54
N ILE C 63 18.58 -52.43 -2.88
CA ILE C 63 18.15 -51.26 -2.11
C ILE C 63 17.06 -50.49 -2.86
N SER C 64 16.12 -49.94 -2.07
CA SER C 64 15.03 -49.08 -2.53
C SER C 64 14.98 -47.86 -1.60
N THR C 65 14.18 -46.84 -1.95
CA THR C 65 14.11 -45.62 -1.15
C THR C 65 13.67 -45.93 0.30
N GLY C 66 14.30 -45.26 1.26
CA GLY C 66 14.02 -45.45 2.68
C GLY C 66 14.83 -46.53 3.39
N ASP C 67 15.38 -47.53 2.66
CA ASP C 67 16.14 -48.63 3.27
C ASP C 67 17.45 -48.15 3.89
N ALA C 68 17.72 -48.56 5.15
CA ALA C 68 18.91 -48.19 5.93
C ALA C 68 20.06 -49.15 5.60
N PHE C 69 21.18 -48.61 5.13
CA PHE C 69 22.36 -49.40 4.78
C PHE C 69 23.64 -48.72 5.29
N GLU C 70 24.77 -49.42 5.20
CA GLU C 70 26.08 -48.94 5.62
C GLU C 70 27.13 -49.25 4.59
N ILE C 71 28.07 -48.32 4.37
CA ILE C 71 29.21 -48.52 3.49
C ILE C 71 30.40 -48.92 4.42
N GLY C 72 31.33 -49.79 4.04
CA GLY C 72 31.49 -50.41 2.73
C GLY C 72 32.83 -50.09 2.11
N SER C 73 32.88 -50.11 0.78
CA SER C 73 34.09 -49.80 0.03
C SER C 73 33.75 -49.56 -1.45
N VAL C 74 33.76 -48.29 -1.88
CA VAL C 74 33.42 -47.92 -3.26
C VAL C 74 34.62 -48.14 -4.17
N GLU C 75 34.41 -48.86 -5.29
CA GLU C 75 35.47 -49.15 -6.26
C GLU C 75 35.03 -48.67 -7.64
N VAL C 76 35.91 -47.92 -8.35
CA VAL C 76 35.56 -47.36 -9.66
C VAL C 76 36.71 -47.55 -10.67
N SER C 77 36.45 -48.27 -11.77
CA SER C 77 37.41 -48.49 -12.85
C SER C 77 37.21 -47.39 -13.86
N TYR C 78 38.17 -46.45 -13.95
CA TYR C 78 38.07 -45.30 -14.86
C TYR C 78 39.00 -45.47 -16.04
N SER C 79 38.90 -44.55 -17.01
CA SER C 79 39.76 -44.50 -18.18
C SER C 79 40.16 -43.05 -18.45
N HIS C 80 41.40 -42.82 -18.89
CA HIS C 80 41.89 -41.48 -19.19
C HIS C 80 43.20 -41.56 -19.98
N SER C 81 43.29 -40.84 -21.12
CA SER C 81 44.47 -40.78 -21.98
C SER C 81 44.89 -42.18 -22.49
N HIS C 82 43.95 -42.89 -23.14
CA HIS C 82 44.12 -44.22 -23.73
C HIS C 82 44.48 -45.34 -22.73
N GLU C 83 44.40 -45.13 -21.39
CA GLU C 83 44.77 -46.19 -20.43
C GLU C 83 43.74 -46.29 -19.32
N GLU C 84 43.42 -47.54 -18.92
CA GLU C 84 42.45 -47.87 -17.88
C GLU C 84 43.16 -48.09 -16.55
N SER C 85 42.56 -47.59 -15.46
CA SER C 85 43.07 -47.75 -14.09
C SER C 85 41.90 -47.85 -13.11
N GLN C 86 42.17 -48.36 -11.91
CA GLN C 86 41.16 -48.57 -10.86
C GLN C 86 41.53 -47.84 -9.59
N VAL C 87 40.52 -47.37 -8.83
CA VAL C 87 40.72 -46.67 -7.54
C VAL C 87 39.63 -47.07 -6.55
N SER C 88 40.02 -47.24 -5.28
CA SER C 88 39.16 -47.70 -4.19
C SER C 88 39.09 -46.66 -3.07
N MET C 89 38.00 -46.70 -2.28
CA MET C 89 37.79 -45.80 -1.15
C MET C 89 37.29 -46.63 0.02
N THR C 90 38.13 -46.82 1.06
CA THR C 90 37.78 -47.65 2.21
C THR C 90 36.72 -46.98 3.11
N GLU C 91 36.27 -47.71 4.14
CA GLU C 91 35.23 -47.28 5.07
C GLU C 91 35.58 -45.94 5.73
N THR C 92 36.74 -45.86 6.40
CA THR C 92 37.16 -44.61 7.07
C THR C 92 37.33 -43.45 6.08
N GLU C 93 37.65 -43.74 4.80
CA GLU C 93 37.80 -42.68 3.78
C GLU C 93 36.46 -42.06 3.36
N VAL C 94 35.44 -42.90 3.08
CA VAL C 94 34.12 -42.40 2.63
C VAL C 94 33.41 -41.58 3.72
N TYR C 95 33.57 -41.94 5.03
CA TYR C 95 32.88 -41.24 6.10
C TYR C 95 33.66 -40.02 6.62
N GLU C 96 35.01 -40.09 6.71
CA GLU C 96 35.80 -38.94 7.17
C GLU C 96 35.91 -37.92 6.03
N SER C 97 35.38 -36.69 6.21
CA SER C 97 35.43 -35.67 5.17
C SER C 97 36.68 -34.79 5.29
N LYS C 98 37.72 -35.11 4.51
CA LYS C 98 38.98 -34.37 4.52
C LYS C 98 38.92 -33.17 3.59
N VAL C 99 39.66 -32.10 3.93
CA VAL C 99 39.78 -30.89 3.10
C VAL C 99 41.23 -30.83 2.65
N ILE C 100 41.47 -30.94 1.33
CA ILE C 100 42.82 -30.96 0.76
C ILE C 100 43.09 -29.65 0.05
N GLU C 101 44.29 -29.08 0.24
CA GLU C 101 44.68 -27.83 -0.39
C GLU C 101 46.12 -27.87 -0.85
N HIS C 102 46.36 -27.42 -2.09
CA HIS C 102 47.72 -27.30 -2.61
C HIS C 102 47.74 -26.28 -3.74
N THR C 103 48.87 -25.55 -3.87
CA THR C 103 49.03 -24.56 -4.92
C THR C 103 49.36 -25.27 -6.21
N ILE C 104 49.02 -24.66 -7.34
CA ILE C 104 49.33 -25.18 -8.67
C ILE C 104 49.78 -24.01 -9.52
N THR C 105 50.95 -24.13 -10.16
CA THR C 105 51.44 -23.06 -11.01
C THR C 105 51.11 -23.41 -12.45
N ILE C 106 50.19 -22.64 -13.06
CA ILE C 106 49.77 -22.86 -14.44
C ILE C 106 50.78 -22.18 -15.34
N PRO C 107 51.41 -22.88 -16.31
CA PRO C 107 52.36 -22.18 -17.20
C PRO C 107 51.68 -21.22 -18.15
N PRO C 108 52.43 -20.30 -18.77
CA PRO C 108 51.80 -19.35 -19.69
C PRO C 108 51.29 -20.01 -20.94
N THR C 109 50.16 -19.49 -21.47
CA THR C 109 49.48 -19.97 -22.67
C THR C 109 49.07 -21.46 -22.47
N SER C 110 48.49 -21.78 -21.27
CA SER C 110 48.06 -23.13 -20.91
C SER C 110 46.79 -23.11 -20.04
N LYS C 111 46.10 -24.27 -19.97
CA LYS C 111 44.88 -24.44 -19.18
C LYS C 111 45.06 -25.59 -18.21
N PHE C 112 44.69 -25.39 -16.93
CA PHE C 112 44.72 -26.43 -15.91
C PHE C 112 43.28 -26.91 -15.69
N THR C 113 42.97 -28.17 -16.06
CA THR C 113 41.64 -28.78 -15.89
C THR C 113 41.74 -29.79 -14.76
N ARG C 114 40.85 -29.72 -13.75
CA ARG C 114 40.84 -30.67 -12.63
C ARG C 114 39.59 -31.51 -12.71
N TRP C 115 39.75 -32.79 -13.10
CA TRP C 115 38.63 -33.71 -13.22
C TRP C 115 38.27 -34.26 -11.84
N GLN C 116 37.00 -34.13 -11.45
CA GLN C 116 36.47 -34.54 -10.15
C GLN C 116 35.58 -35.77 -10.31
N LEU C 117 35.98 -36.89 -9.67
CA LEU C 117 35.20 -38.13 -9.69
C LEU C 117 34.31 -38.18 -8.47
N ASN C 118 33.02 -38.46 -8.68
CA ASN C 118 32.01 -38.59 -7.63
C ASN C 118 31.24 -39.87 -7.82
N ALA C 119 30.78 -40.46 -6.70
CA ALA C 119 29.95 -41.66 -6.70
C ALA C 119 28.64 -41.35 -6.01
N ASP C 120 27.57 -42.06 -6.36
CA ASP C 120 26.26 -41.86 -5.74
C ASP C 120 25.71 -43.22 -5.27
N VAL C 121 25.98 -43.54 -4.00
CA VAL C 121 25.54 -44.81 -3.40
C VAL C 121 24.14 -44.57 -2.84
N GLY C 122 23.13 -44.68 -3.70
CA GLY C 122 21.73 -44.50 -3.33
C GLY C 122 21.42 -43.23 -2.58
N GLY C 123 21.84 -42.10 -3.14
CA GLY C 123 21.66 -40.79 -2.51
C GLY C 123 22.93 -40.24 -1.90
N ALA C 124 23.76 -41.13 -1.31
CA ALA C 124 25.01 -40.73 -0.67
C ALA C 124 26.00 -40.19 -1.69
N ASP C 125 26.10 -38.86 -1.80
CA ASP C 125 26.99 -38.20 -2.76
C ASP C 125 28.40 -38.14 -2.21
N ILE C 126 29.24 -39.09 -2.62
CA ILE C 126 30.64 -39.18 -2.20
C ILE C 126 31.47 -38.28 -3.11
N GLU C 127 31.94 -37.14 -2.58
CA GLU C 127 32.73 -36.17 -3.35
C GLU C 127 34.20 -36.60 -3.47
N TYR C 128 34.84 -36.15 -4.55
CA TYR C 128 36.25 -36.39 -4.89
C TYR C 128 36.74 -37.78 -4.48
N MET C 129 36.13 -38.82 -5.07
CA MET C 129 36.54 -40.22 -4.85
C MET C 129 37.99 -40.39 -5.36
N TYR C 130 38.32 -39.65 -6.44
CA TYR C 130 39.63 -39.62 -7.06
C TYR C 130 39.77 -38.30 -7.84
N LEU C 131 40.98 -38.01 -8.30
CA LEU C 131 41.30 -36.76 -8.97
C LEU C 131 42.32 -36.94 -10.09
N ILE C 132 42.06 -36.32 -11.22
CA ILE C 132 42.96 -36.26 -12.37
C ILE C 132 43.06 -34.80 -12.74
N ASP C 133 44.23 -34.19 -12.63
CA ASP C 133 44.39 -32.79 -13.02
C ASP C 133 45.47 -32.69 -14.06
N GLU C 134 45.10 -32.21 -15.24
CA GLU C 134 45.96 -32.09 -16.40
C GLU C 134 46.13 -30.67 -16.87
N VAL C 135 47.35 -30.35 -17.32
CA VAL C 135 47.70 -29.05 -17.90
C VAL C 135 47.82 -29.26 -19.40
N THR C 136 47.10 -28.47 -20.19
CA THR C 136 47.14 -28.56 -21.65
C THR C 136 47.42 -27.19 -22.23
N PRO C 137 48.19 -27.11 -23.30
CA PRO C 137 48.47 -25.81 -23.90
C PRO C 137 47.26 -25.27 -24.63
N ILE C 138 47.15 -23.94 -24.77
CA ILE C 138 46.06 -23.33 -25.53
C ILE C 138 46.57 -23.29 -27.00
N GLY C 139 45.91 -23.91 -27.99
CA GLY C 139 44.63 -24.62 -27.93
C GLY C 139 44.77 -26.10 -28.19
N GLY C 140 45.13 -26.84 -27.15
CA GLY C 140 45.25 -28.28 -27.18
C GLY C 140 43.94 -28.94 -26.77
N THR C 141 43.88 -30.26 -26.84
CA THR C 141 42.68 -31.00 -26.46
C THR C 141 42.90 -31.66 -25.10
N GLN C 142 41.82 -31.80 -24.32
CA GLN C 142 41.82 -32.47 -23.01
C GLN C 142 41.13 -33.80 -23.14
N SER C 143 41.66 -34.85 -22.51
CA SER C 143 41.00 -36.14 -22.53
C SER C 143 39.92 -36.15 -21.46
N ILE C 144 38.71 -36.53 -21.81
CA ILE C 144 37.63 -36.60 -20.84
C ILE C 144 37.72 -37.96 -20.15
N PRO C 145 37.85 -37.99 -18.81
CA PRO C 145 37.88 -39.28 -18.13
C PRO C 145 36.49 -39.90 -18.09
N GLN C 146 36.41 -41.22 -18.11
CA GLN C 146 35.13 -41.93 -18.13
C GLN C 146 35.13 -43.06 -17.14
N VAL C 147 33.95 -43.38 -16.59
CA VAL C 147 33.76 -44.48 -15.66
C VAL C 147 33.38 -45.70 -16.48
N ILE C 148 34.18 -46.77 -16.41
CA ILE C 148 33.86 -47.99 -17.16
C ILE C 148 33.10 -48.96 -16.21
N THR C 149 33.43 -48.98 -14.90
CA THR C 149 32.73 -49.81 -13.91
C THR C 149 32.69 -49.09 -12.57
N SER C 150 31.52 -49.03 -11.92
CA SER C 150 31.31 -48.37 -10.61
C SER C 150 30.52 -49.29 -9.69
N ARG C 151 31.15 -49.77 -8.59
CA ARG C 151 30.51 -50.70 -7.66
C ARG C 151 30.81 -50.30 -6.21
N ALA C 152 30.11 -50.94 -5.26
CA ALA C 152 30.29 -50.68 -3.83
C ALA C 152 29.80 -51.86 -2.99
N LYS C 153 30.50 -52.17 -1.88
CA LYS C 153 30.18 -53.29 -0.98
C LYS C 153 29.44 -52.80 0.28
N ILE C 154 28.09 -52.66 0.22
CA ILE C 154 27.31 -52.16 1.37
C ILE C 154 26.82 -53.29 2.32
N ILE C 155 26.66 -52.93 3.62
CA ILE C 155 26.21 -53.79 4.71
C ILE C 155 24.75 -53.48 5.05
N VAL C 156 23.92 -54.50 5.15
CA VAL C 156 22.50 -54.37 5.48
C VAL C 156 22.11 -55.45 6.49
N GLY C 157 21.01 -55.23 7.19
CA GLY C 157 20.50 -56.19 8.18
C GLY C 157 20.02 -57.47 7.53
N ARG C 158 20.04 -58.58 8.28
CA ARG C 158 19.56 -59.86 7.74
C ARG C 158 18.06 -59.75 7.47
N GLN C 159 17.65 -60.23 6.30
CA GLN C 159 16.29 -60.13 5.77
C GLN C 159 15.26 -60.80 6.67
N ILE C 160 14.16 -60.09 6.97
CA ILE C 160 13.06 -60.59 7.80
C ILE C 160 12.07 -61.29 6.88
N ILE C 161 11.96 -62.64 6.98
CA ILE C 161 11.03 -63.41 6.15
C ILE C 161 9.67 -63.33 6.82
N LEU C 162 8.67 -62.83 6.08
CA LEU C 162 7.31 -62.67 6.62
C LEU C 162 6.70 -64.05 6.87
N GLY C 163 6.28 -64.28 8.11
CA GLY C 163 5.68 -65.53 8.54
C GLY C 163 6.62 -66.53 9.20
N LYS C 164 7.95 -66.39 9.00
CA LYS C 164 8.94 -67.30 9.59
C LYS C 164 9.77 -66.61 10.68
N THR C 165 10.52 -65.55 10.31
CA THR C 165 11.44 -64.84 11.20
C THR C 165 10.75 -64.34 12.48
N GLU C 166 11.50 -64.37 13.59
CA GLU C 166 11.03 -63.98 14.93
C GLU C 166 11.65 -62.64 15.30
N ILE C 167 10.81 -61.64 15.65
CA ILE C 167 11.23 -60.26 15.91
C ILE C 167 10.92 -59.79 17.34
N ARG C 168 11.77 -58.86 17.83
CA ARG C 168 11.63 -58.17 19.10
C ARG C 168 11.41 -56.68 18.80
N ILE C 169 10.17 -56.20 18.89
CA ILE C 169 9.85 -54.80 18.56
C ILE C 169 10.25 -53.88 19.74
N LYS C 170 11.32 -53.08 19.56
CA LYS C 170 11.82 -52.14 20.57
C LYS C 170 11.51 -50.70 20.19
N HIS C 171 11.19 -49.85 21.19
CA HIS C 171 10.92 -48.44 20.98
C HIS C 171 12.24 -47.72 20.69
N ALA C 172 12.27 -46.80 19.72
CA ALA C 172 13.50 -46.11 19.36
C ALA C 172 13.95 -45.11 20.41
N GLU C 173 13.01 -44.30 20.95
CA GLU C 173 13.34 -43.28 21.95
C GLU C 173 13.54 -43.88 23.35
N ARG C 174 12.54 -44.63 23.88
CA ARG C 174 12.63 -45.20 25.24
C ARG C 174 13.59 -46.40 25.34
N LYS C 175 13.87 -47.11 24.21
CA LYS C 175 14.77 -48.27 24.18
C LYS C 175 14.23 -49.40 25.10
N GLU C 176 12.97 -49.80 24.88
CA GLU C 176 12.29 -50.84 25.65
C GLU C 176 11.45 -51.72 24.72
N TYR C 177 11.46 -53.04 24.96
CA TYR C 177 10.74 -54.01 24.12
C TYR C 177 9.25 -54.01 24.39
N MET C 178 8.46 -54.34 23.35
CA MET C 178 7.01 -54.43 23.44
C MET C 178 6.67 -55.76 24.10
N THR C 179 6.04 -55.74 25.29
CA THR C 179 5.63 -56.93 26.03
C THR C 179 4.11 -57.01 26.03
N VAL C 180 3.56 -58.21 26.30
CA VAL C 180 2.12 -58.49 26.31
C VAL C 180 1.67 -58.79 27.76
N VAL C 181 0.61 -58.10 28.22
CA VAL C 181 0.04 -58.26 29.57
C VAL C 181 -1.51 -58.21 29.47
N SER C 182 -2.23 -58.75 30.47
CA SER C 182 -3.71 -58.87 30.50
C SER C 182 -4.52 -57.55 30.25
N ARG C 183 -5.08 -56.90 31.31
CA ARG C 183 -5.98 -55.72 31.33
C ARG C 183 -7.44 -56.14 31.64
N LYS C 184 -8.13 -56.76 30.65
CA LYS C 184 -9.54 -57.17 30.78
C LYS C 184 -9.65 -58.73 30.77
N SER C 185 -10.04 -59.37 29.63
CA SER C 185 -10.14 -60.84 29.50
C SER C 185 -9.37 -61.34 28.25
N TRP C 186 -8.45 -60.51 27.71
CA TRP C 186 -7.62 -60.83 26.54
C TRP C 186 -6.28 -60.07 26.65
N PRO C 187 -5.21 -60.41 25.88
CA PRO C 187 -3.92 -59.74 26.08
C PRO C 187 -3.83 -58.33 25.45
N ALA C 188 -2.97 -57.48 26.04
CA ALA C 188 -2.72 -56.10 25.62
C ALA C 188 -1.24 -55.78 25.61
N ALA C 189 -0.79 -54.98 24.62
CA ALA C 189 0.61 -54.62 24.51
C ALA C 189 1.01 -53.54 25.52
N THR C 190 2.18 -53.71 26.15
CA THR C 190 2.79 -52.79 27.12
C THR C 190 4.29 -52.70 26.78
N LEU C 191 5.05 -51.87 27.50
CA LEU C 191 6.48 -51.68 27.24
C LEU C 191 7.31 -52.05 28.48
N GLY C 192 8.25 -52.99 28.30
CA GLY C 192 9.13 -53.46 29.35
C GLY C 192 10.52 -53.80 28.86
N HIS C 193 11.32 -54.46 29.71
CA HIS C 193 12.70 -54.85 29.40
C HIS C 193 12.85 -56.35 29.06
N SER C 194 11.75 -57.14 29.10
CA SER C 194 11.81 -58.58 28.83
C SER C 194 12.17 -58.91 27.37
N LYS C 195 13.22 -59.73 27.18
CA LYS C 195 13.67 -60.19 25.87
C LYS C 195 12.95 -61.49 25.45
N LEU C 196 12.20 -62.14 26.38
CA LEU C 196 11.49 -63.39 26.10
C LEU C 196 10.31 -63.21 25.15
N PHE C 197 9.75 -61.98 25.07
CA PHE C 197 8.56 -61.70 24.28
C PHE C 197 8.92 -61.35 22.83
N LYS C 198 8.59 -62.27 21.91
CA LYS C 198 8.87 -62.18 20.48
C LYS C 198 7.58 -62.01 19.68
N PHE C 199 7.72 -61.65 18.39
CA PHE C 199 6.60 -61.47 17.45
C PHE C 199 7.00 -62.02 16.08
N VAL C 200 6.05 -62.08 15.15
CA VAL C 200 6.31 -62.54 13.77
C VAL C 200 5.39 -61.74 12.84
N LEU C 201 5.96 -61.10 11.81
CA LEU C 201 5.23 -60.24 10.88
C LEU C 201 4.68 -61.00 9.67
N TYR C 202 3.52 -60.54 9.15
CA TYR C 202 2.85 -61.09 7.97
C TYR C 202 2.41 -59.96 7.07
N GLU C 203 2.07 -60.25 5.80
CA GLU C 203 1.55 -59.25 4.86
C GLU C 203 0.53 -59.88 3.94
N ASP C 204 -0.68 -59.30 3.89
CA ASP C 204 -1.79 -59.75 3.03
C ASP C 204 -2.35 -58.52 2.28
N TRP C 205 -3.40 -58.67 1.45
CA TRP C 205 -3.90 -57.50 0.70
C TRP C 205 -4.46 -56.38 1.62
N GLY C 206 -4.87 -56.71 2.85
CA GLY C 206 -5.33 -55.70 3.80
C GLY C 206 -4.21 -54.93 4.48
N GLY C 207 -3.00 -55.52 4.52
CA GLY C 207 -1.83 -54.90 5.12
C GLY C 207 -0.97 -55.82 5.95
N PHE C 208 -0.09 -55.22 6.79
CA PHE C 208 0.81 -55.95 7.67
C PHE C 208 0.14 -56.29 8.99
N ARG C 209 0.54 -57.41 9.62
CA ARG C 209 0.00 -57.85 10.91
C ARG C 209 1.13 -58.15 11.91
N ILE C 210 0.88 -57.88 13.21
CA ILE C 210 1.86 -58.10 14.29
C ILE C 210 1.40 -59.26 15.18
N LYS C 211 1.74 -60.50 14.80
CA LYS C 211 1.37 -61.68 15.59
C LYS C 211 2.33 -61.86 16.76
N THR C 212 1.80 -62.10 17.99
CA THR C 212 2.63 -62.36 19.16
C THR C 212 2.74 -63.87 19.37
N LEU C 213 3.94 -64.33 19.76
CA LEU C 213 4.23 -65.73 20.02
C LEU C 213 4.17 -66.04 21.53
N ASN C 214 3.84 -65.03 22.36
CA ASN C 214 3.74 -65.17 23.82
C ASN C 214 2.35 -64.74 24.29
N THR C 215 1.30 -65.30 23.66
CA THR C 215 -0.09 -64.97 24.02
C THR C 215 -0.46 -65.63 25.36
N MET C 216 -1.30 -64.93 26.14
CA MET C 216 -1.79 -65.40 27.44
C MET C 216 -3.00 -66.29 27.22
N TYR C 217 -3.93 -65.85 26.36
CA TYR C 217 -5.14 -66.57 25.99
C TYR C 217 -4.97 -67.04 24.54
N SER C 218 -4.83 -68.38 24.34
CA SER C 218 -4.57 -68.99 23.03
C SER C 218 -5.60 -68.57 21.97
N GLY C 219 -5.12 -68.22 20.78
CA GLY C 219 -5.94 -67.77 19.66
C GLY C 219 -5.87 -66.27 19.45
N TYR C 220 -5.99 -65.50 20.55
CA TYR C 220 -5.96 -64.04 20.54
C TYR C 220 -4.50 -63.61 20.40
N GLU C 221 -4.01 -63.42 19.16
CA GLU C 221 -2.59 -63.15 18.90
C GLU C 221 -2.26 -62.00 17.91
N TYR C 222 -3.18 -61.51 17.06
CA TYR C 222 -2.87 -60.44 16.10
C TYR C 222 -3.16 -59.08 16.71
N ALA C 223 -2.15 -58.17 16.75
CA ALA C 223 -2.30 -56.83 17.34
C ALA C 223 -3.41 -56.03 16.67
N TYR C 224 -4.26 -55.35 17.46
CA TYR C 224 -5.39 -54.58 16.95
C TYR C 224 -5.61 -53.29 17.75
N SER C 225 -6.06 -52.22 17.09
CA SER C 225 -6.36 -50.94 17.71
C SER C 225 -7.83 -50.92 18.13
N SER C 226 -8.10 -50.69 19.42
CA SER C 226 -9.47 -50.61 19.92
C SER C 226 -10.02 -49.20 19.72
N ASP C 227 -11.31 -49.01 19.97
CA ASP C 227 -11.97 -47.71 19.82
C ASP C 227 -11.44 -46.71 20.87
N GLN C 228 -11.21 -47.19 22.11
CA GLN C 228 -10.64 -46.38 23.20
C GLN C 228 -9.20 -45.86 22.91
N GLY C 229 -8.48 -46.50 21.97
CA GLY C 229 -7.13 -46.11 21.57
C GLY C 229 -6.07 -47.16 21.85
N GLY C 230 -6.26 -47.93 22.93
CA GLY C 230 -5.32 -48.95 23.37
C GLY C 230 -5.09 -50.09 22.39
N ILE C 231 -3.98 -50.81 22.60
CA ILE C 231 -3.57 -51.94 21.77
C ILE C 231 -3.94 -53.23 22.48
N TYR C 232 -4.54 -54.15 21.73
CA TYR C 232 -4.92 -55.49 22.20
C TYR C 232 -4.60 -56.49 21.12
N PHE C 233 -4.54 -57.78 21.47
CA PHE C 233 -4.28 -58.86 20.52
C PHE C 233 -5.56 -59.66 20.33
N ASP C 234 -6.02 -59.83 19.08
CA ASP C 234 -7.28 -60.52 18.73
C ASP C 234 -7.03 -61.67 17.74
N GLN C 235 -8.03 -62.56 17.59
CA GLN C 235 -7.98 -63.69 16.65
C GLN C 235 -7.91 -63.21 15.21
N GLY C 236 -7.42 -64.07 14.32
CA GLY C 236 -7.28 -63.79 12.89
C GLY C 236 -8.59 -63.45 12.22
N THR C 237 -8.67 -62.23 11.66
CA THR C 237 -9.86 -61.73 10.95
C THR C 237 -9.46 -60.81 9.81
N ASP C 238 -10.41 -60.52 8.90
CA ASP C 238 -10.19 -59.61 7.78
C ASP C 238 -10.25 -58.13 8.24
N ASN C 239 -10.77 -57.88 9.47
CA ASN C 239 -10.91 -56.56 10.09
C ASN C 239 -9.67 -55.68 9.88
N PRO C 240 -9.80 -54.48 9.25
CA PRO C 240 -8.62 -53.63 9.04
C PRO C 240 -8.05 -53.02 10.33
N LYS C 241 -8.77 -53.09 11.46
CA LYS C 241 -8.25 -52.61 12.75
C LYS C 241 -7.03 -53.42 13.20
N GLN C 242 -6.91 -54.72 12.82
CA GLN C 242 -5.75 -55.53 13.19
C GLN C 242 -4.62 -55.48 12.13
N ARG C 243 -4.90 -54.92 10.93
CA ARG C 243 -3.90 -54.77 9.87
C ARG C 243 -3.21 -53.40 10.01
N TRP C 244 -1.92 -53.32 9.60
CA TRP C 244 -1.07 -52.14 9.75
C TRP C 244 -0.32 -51.77 8.46
N ALA C 245 0.26 -50.55 8.44
CA ALA C 245 1.03 -50.01 7.33
C ALA C 245 2.44 -49.66 7.77
N ILE C 246 3.46 -50.26 7.13
CA ILE C 246 4.86 -50.03 7.47
C ILE C 246 5.48 -49.09 6.43
N ASN C 247 6.04 -47.95 6.89
CA ASN C 247 6.65 -46.91 6.04
C ASN C 247 7.77 -47.44 5.11
N LYS C 248 8.62 -48.35 5.59
CA LYS C 248 9.72 -48.87 4.78
C LYS C 248 9.19 -49.90 3.79
N SER C 249 9.78 -49.93 2.58
CA SER C 249 9.39 -50.88 1.53
C SER C 249 9.99 -52.26 1.80
N LEU C 250 9.44 -53.30 1.16
CA LEU C 250 9.94 -54.67 1.32
C LEU C 250 11.23 -54.87 0.50
N PRO C 251 12.12 -55.82 0.87
CA PRO C 251 12.05 -56.71 2.04
C PRO C 251 12.55 -56.02 3.30
N LEU C 252 11.85 -56.25 4.45
CA LEU C 252 12.25 -55.67 5.73
C LEU C 252 13.53 -56.33 6.19
N ARG C 253 14.31 -55.62 7.01
CA ARG C 253 15.60 -56.10 7.48
C ARG C 253 15.78 -55.83 8.97
N HIS C 254 16.75 -56.54 9.58
CA HIS C 254 17.11 -56.40 11.00
C HIS C 254 17.60 -54.98 11.29
N GLY C 255 17.21 -54.45 12.44
CA GLY C 255 17.59 -53.11 12.87
C GLY C 255 16.95 -51.97 12.11
N ASP C 256 15.89 -52.24 11.31
CA ASP C 256 15.24 -51.19 10.52
C ASP C 256 14.29 -50.39 11.40
N VAL C 257 14.45 -49.05 11.39
CA VAL C 257 13.61 -48.15 12.19
C VAL C 257 12.33 -47.92 11.40
N VAL C 258 11.20 -48.52 11.84
CA VAL C 258 9.91 -48.46 11.15
C VAL C 258 8.84 -47.78 12.02
N THR C 259 7.70 -47.47 11.39
CA THR C 259 6.55 -46.84 12.05
C THR C 259 5.28 -47.59 11.58
N PHE C 260 4.41 -47.98 12.52
CA PHE C 260 3.18 -48.74 12.21
C PHE C 260 1.93 -47.85 12.24
N MET C 261 1.33 -47.62 11.06
CA MET C 261 0.10 -46.82 10.92
C MET C 261 -1.08 -47.76 10.71
N ASN C 262 -2.13 -47.63 11.53
CA ASN C 262 -3.31 -48.49 11.46
C ASN C 262 -4.06 -48.26 10.13
N LYS C 263 -4.54 -49.35 9.50
CA LYS C 263 -5.24 -49.26 8.21
C LYS C 263 -6.67 -48.75 8.38
N TYR C 264 -7.36 -49.09 9.49
CA TYR C 264 -8.72 -48.58 9.73
C TYR C 264 -8.63 -47.11 10.14
N PHE C 265 -7.87 -46.82 11.20
CA PHE C 265 -7.62 -45.45 11.68
C PHE C 265 -6.37 -44.91 10.96
N THR C 266 -6.56 -44.42 9.72
CA THR C 266 -5.48 -43.94 8.84
C THR C 266 -4.50 -42.96 9.51
N ARG C 267 -5.02 -41.85 10.10
CA ARG C 267 -4.16 -40.85 10.77
C ARG C 267 -3.48 -41.40 12.03
N SER C 268 -4.17 -42.29 12.76
CA SER C 268 -3.66 -42.88 14.00
C SER C 268 -2.55 -43.91 13.73
N GLY C 269 -1.50 -43.88 14.57
CA GLY C 269 -0.36 -44.78 14.45
C GLY C 269 0.15 -45.27 15.80
N LEU C 270 0.81 -46.44 15.79
CA LEU C 270 1.35 -47.09 17.00
C LEU C 270 2.35 -46.20 17.72
N CYS C 271 2.15 -45.97 19.03
CA CYS C 271 3.02 -45.09 19.81
C CYS C 271 2.99 -45.41 21.31
N TYR C 272 3.82 -44.70 22.09
CA TYR C 272 3.88 -44.82 23.54
C TYR C 272 3.01 -43.74 24.18
N ASP C 273 2.18 -44.11 25.16
CA ASP C 273 1.36 -43.15 25.90
C ASP C 273 0.92 -43.80 27.21
N ASP C 274 1.56 -43.42 28.33
CA ASP C 274 1.28 -43.98 29.65
C ASP C 274 -0.19 -43.82 30.06
N GLY C 275 -0.96 -44.90 29.87
CA GLY C 275 -2.38 -44.96 30.21
C GLY C 275 -2.60 -45.49 31.62
N PRO C 276 -3.81 -46.03 31.92
CA PRO C 276 -4.05 -46.55 33.29
C PRO C 276 -3.21 -47.79 33.64
N ALA C 277 -3.26 -48.83 32.79
CA ALA C 277 -2.51 -50.07 33.01
C ALA C 277 -1.35 -50.22 32.02
N THR C 278 -1.65 -50.18 30.72
CA THR C 278 -0.65 -50.34 29.66
C THR C 278 -0.09 -48.97 29.24
N ASN C 279 0.93 -48.98 28.35
CA ASN C 279 1.57 -47.77 27.85
C ASN C 279 1.84 -47.81 26.32
N VAL C 280 1.37 -48.84 25.57
CA VAL C 280 1.52 -48.93 24.11
C VAL C 280 0.13 -48.66 23.54
N TYR C 281 -0.05 -47.52 22.86
CA TYR C 281 -1.33 -47.05 22.34
C TYR C 281 -1.25 -46.64 20.88
N CYS C 282 -2.40 -46.60 20.21
CA CYS C 282 -2.54 -46.14 18.82
C CYS C 282 -3.35 -44.85 18.86
N LEU C 283 -2.69 -43.68 18.74
CA LEU C 283 -3.33 -42.37 18.85
C LEU C 283 -3.22 -41.52 17.58
N ASP C 284 -4.23 -40.64 17.36
CA ASP C 284 -4.34 -39.75 16.19
C ASP C 284 -3.14 -38.81 16.05
N LYS C 285 -2.65 -38.62 14.81
CA LYS C 285 -1.52 -37.77 14.44
C LYS C 285 -0.19 -38.12 15.18
N ARG C 286 -0.05 -39.38 15.66
CA ARG C 286 1.16 -39.83 16.36
C ARG C 286 1.72 -41.06 15.65
N GLU C 287 3.05 -41.06 15.41
CA GLU C 287 3.73 -42.17 14.74
C GLU C 287 5.15 -42.31 15.28
N ASP C 288 5.27 -42.90 16.48
CA ASP C 288 6.57 -43.11 17.13
C ASP C 288 7.39 -44.15 16.37
N LYS C 289 8.71 -44.03 16.46
CA LYS C 289 9.63 -44.93 15.76
C LYS C 289 9.85 -46.23 16.55
N TRP C 290 9.82 -47.38 15.83
CA TRP C 290 10.03 -48.72 16.38
C TRP C 290 11.12 -49.45 15.61
N ILE C 291 12.03 -50.17 16.29
CA ILE C 291 13.09 -50.90 15.57
C ILE C 291 12.75 -52.40 15.51
N LEU C 292 13.00 -53.03 14.35
CA LEU C 292 12.78 -54.45 14.14
C LEU C 292 14.06 -55.19 14.45
N GLU C 293 14.07 -56.01 15.51
CA GLU C 293 15.26 -56.73 15.98
C GLU C 293 15.07 -58.24 15.80
N VAL C 294 15.85 -58.85 14.89
CA VAL C 294 15.80 -60.30 14.64
C VAL C 294 16.45 -61.04 15.84
N VAL C 295 15.89 -62.17 16.33
CA VAL C 295 16.51 -62.86 17.48
C VAL C 295 17.41 -64.01 17.00
N GLY C 296 18.36 -64.39 17.85
CA GLY C 296 19.31 -65.46 17.56
C GLY C 296 20.54 -64.92 16.84
N GLY D 7 -21.11 53.64 -22.30
CA GLY D 7 -19.92 53.40 -23.10
C GLY D 7 -19.45 51.95 -23.06
N TYR D 8 -20.36 51.01 -23.38
CA TYR D 8 -20.12 49.57 -23.41
C TYR D 8 -20.28 49.09 -24.83
N GLU D 9 -19.80 47.89 -25.13
CA GLU D 9 -19.95 47.33 -26.48
C GLU D 9 -20.26 45.85 -26.39
N GLN D 10 -21.11 45.37 -27.30
CA GLN D 10 -21.47 43.96 -27.37
C GLN D 10 -20.47 43.23 -28.27
N ILE D 11 -20.07 42.01 -27.86
CA ILE D 11 -19.12 41.19 -28.63
C ILE D 11 -19.59 39.74 -28.63
N GLU D 12 -19.66 39.11 -29.81
CA GLU D 12 -19.98 37.69 -29.91
C GLU D 12 -18.68 36.94 -29.70
N VAL D 13 -18.63 36.05 -28.70
CA VAL D 13 -17.40 35.33 -28.37
C VAL D 13 -17.71 33.83 -28.25
N ASP D 14 -16.71 32.99 -28.56
CA ASP D 14 -16.85 31.54 -28.46
C ASP D 14 -16.82 31.12 -27.00
N VAL D 15 -17.82 30.34 -26.61
CA VAL D 15 -18.02 29.83 -25.26
C VAL D 15 -17.99 28.30 -25.34
N VAL D 16 -17.71 27.63 -24.23
CA VAL D 16 -17.70 26.16 -24.20
C VAL D 16 -19.05 25.66 -23.65
N ALA D 17 -19.62 24.64 -24.31
CA ALA D 17 -20.86 24.02 -23.85
C ALA D 17 -20.71 22.50 -23.83
N VAL D 18 -21.60 21.80 -23.12
CA VAL D 18 -21.49 20.35 -22.99
C VAL D 18 -22.82 19.68 -22.76
N TRP D 19 -22.93 18.45 -23.26
CA TRP D 19 -24.07 17.59 -23.08
C TRP D 19 -23.76 16.64 -21.96
N LYS D 20 -24.47 16.79 -20.86
CA LYS D 20 -24.36 15.94 -19.68
C LYS D 20 -25.50 14.92 -19.74
N GLU D 21 -25.47 13.89 -18.89
CA GLU D 21 -26.55 12.92 -18.76
C GLU D 21 -27.37 13.37 -17.53
N GLY D 22 -28.31 14.28 -17.76
CA GLY D 22 -29.09 14.92 -16.72
C GLY D 22 -29.85 14.03 -15.76
N TYR D 23 -30.38 12.92 -16.27
CA TYR D 23 -31.12 11.94 -15.49
C TYR D 23 -31.25 10.67 -16.32
N VAL D 24 -31.31 9.53 -15.67
CA VAL D 24 -31.49 8.27 -16.38
C VAL D 24 -32.17 7.27 -15.46
N TYR D 25 -33.17 6.56 -16.00
CA TYR D 25 -33.93 5.54 -15.29
C TYR D 25 -34.06 4.34 -16.20
N GLU D 26 -33.90 3.14 -15.66
CA GLU D 26 -33.98 1.90 -16.43
C GLU D 26 -35.10 1.01 -15.86
N ASN D 27 -36.17 0.84 -16.64
CA ASN D 27 -37.33 0.03 -16.24
C ASN D 27 -37.18 -1.38 -16.79
N ARG D 28 -36.70 -2.32 -15.96
CA ARG D 28 -36.51 -3.72 -16.36
C ARG D 28 -37.77 -4.58 -16.15
N GLY D 29 -38.84 -3.98 -15.60
CA GLY D 29 -40.09 -4.68 -15.34
C GLY D 29 -40.98 -4.84 -16.54
N SER D 30 -42.12 -5.53 -16.35
CA SER D 30 -43.10 -5.80 -17.40
C SER D 30 -44.28 -4.80 -17.36
N THR D 31 -44.24 -3.82 -16.42
CA THR D 31 -45.25 -2.77 -16.28
C THR D 31 -44.58 -1.41 -16.42
N SER D 32 -45.32 -0.41 -16.91
CA SER D 32 -44.81 0.94 -17.09
C SER D 32 -44.65 1.64 -15.72
N VAL D 33 -43.66 2.56 -15.60
CA VAL D 33 -43.37 3.27 -14.34
C VAL D 33 -43.48 4.77 -14.54
N ASP D 34 -44.08 5.46 -13.55
CA ASP D 34 -44.23 6.91 -13.50
C ASP D 34 -43.11 7.50 -12.64
N GLN D 35 -42.46 8.58 -13.09
CA GLN D 35 -41.37 9.22 -12.36
C GLN D 35 -41.49 10.74 -12.45
N LYS D 36 -41.44 11.44 -11.29
CA LYS D 36 -41.52 12.90 -11.24
C LYS D 36 -40.11 13.53 -11.25
N ILE D 37 -39.59 13.77 -12.45
CA ILE D 37 -38.26 14.36 -12.66
C ILE D 37 -38.34 15.90 -12.58
N THR D 38 -37.45 16.52 -11.80
CA THR D 38 -37.41 17.98 -11.60
C THR D 38 -36.01 18.50 -11.93
N ILE D 39 -35.94 19.63 -12.65
CA ILE D 39 -34.70 20.28 -13.09
C ILE D 39 -34.75 21.77 -12.78
N THR D 40 -33.61 22.46 -12.94
CA THR D 40 -33.50 23.90 -12.70
C THR D 40 -32.80 24.56 -13.88
N LYS D 41 -33.56 25.29 -14.69
CA LYS D 41 -33.03 26.01 -15.86
C LYS D 41 -32.46 27.36 -15.41
N GLY D 42 -31.50 27.88 -16.16
CA GLY D 42 -30.87 29.17 -15.88
C GLY D 42 -29.54 29.10 -15.16
N MET D 43 -28.89 30.28 -15.04
CA MET D 43 -27.57 30.46 -14.42
C MET D 43 -27.56 30.06 -12.92
N LYS D 44 -26.53 29.31 -12.51
CA LYS D 44 -26.36 28.83 -11.14
C LYS D 44 -25.84 29.96 -10.24
N ASN D 45 -26.34 30.04 -9.00
CA ASN D 45 -25.96 31.03 -7.98
C ASN D 45 -25.97 32.46 -8.58
N VAL D 46 -27.04 32.77 -9.32
CA VAL D 46 -27.22 34.06 -9.99
C VAL D 46 -27.54 35.16 -8.96
N ASN D 47 -26.98 36.37 -9.17
CA ASN D 47 -27.20 37.51 -8.29
C ASN D 47 -28.54 38.16 -8.64
N SER D 48 -29.39 38.38 -7.63
CA SER D 48 -30.73 38.97 -7.81
C SER D 48 -30.69 40.46 -8.16
N GLU D 49 -29.78 41.23 -7.53
CA GLU D 49 -29.68 42.68 -7.74
C GLU D 49 -29.05 43.06 -9.07
N THR D 50 -27.86 42.51 -9.38
CA THR D 50 -27.11 42.88 -10.58
C THR D 50 -27.02 41.74 -11.60
N ARG D 51 -26.92 42.13 -12.88
CA ARG D 51 -26.75 41.21 -14.01
C ARG D 51 -25.26 41.11 -14.38
N THR D 52 -24.39 41.98 -13.80
CA THR D 52 -22.95 41.97 -14.08
C THR D 52 -22.29 40.76 -13.46
N VAL D 53 -21.57 39.99 -14.31
CA VAL D 53 -20.87 38.77 -13.94
C VAL D 53 -19.36 38.99 -13.97
N THR D 54 -18.65 38.66 -12.87
CA THR D 54 -17.20 38.74 -12.83
C THR D 54 -16.69 37.35 -13.26
N ALA D 55 -15.67 37.33 -14.12
CA ALA D 55 -15.14 36.09 -14.69
C ALA D 55 -14.28 35.29 -13.69
N THR D 56 -14.49 33.97 -13.63
CA THR D 56 -13.68 33.05 -12.83
C THR D 56 -12.56 32.48 -13.73
N HIS D 57 -12.74 32.58 -15.08
CA HIS D 57 -11.74 32.18 -16.06
C HIS D 57 -11.98 32.90 -17.40
N SER D 58 -11.03 32.81 -18.32
CA SER D 58 -11.07 33.52 -19.61
C SER D 58 -12.12 33.02 -20.59
N ILE D 59 -12.49 33.89 -21.54
CA ILE D 59 -13.37 33.61 -22.67
C ILE D 59 -12.61 34.04 -23.92
N GLY D 60 -11.65 33.22 -24.33
CA GLY D 60 -10.82 33.48 -25.49
C GLY D 60 -9.88 34.65 -25.31
N SER D 61 -9.89 35.58 -26.29
CA SER D 61 -9.01 36.75 -26.31
C SER D 61 -9.61 37.98 -25.62
N THR D 62 -10.94 38.15 -25.67
CA THR D 62 -11.61 39.34 -25.14
C THR D 62 -11.69 39.37 -23.60
N ILE D 63 -12.11 38.26 -22.97
CA ILE D 63 -12.26 38.22 -21.51
C ILE D 63 -11.13 37.41 -20.88
N SER D 64 -10.72 37.85 -19.69
CA SER D 64 -9.73 37.21 -18.83
C SER D 64 -10.28 37.18 -17.41
N THR D 65 -9.63 36.44 -16.49
CA THR D 65 -10.12 36.32 -15.11
C THR D 65 -10.24 37.70 -14.44
N GLY D 66 -11.33 37.88 -13.69
CA GLY D 66 -11.61 39.12 -12.98
C GLY D 66 -12.42 40.15 -13.75
N ASP D 67 -12.47 40.05 -15.11
CA ASP D 67 -13.20 41.02 -15.94
C ASP D 67 -14.70 40.98 -15.69
N ALA D 68 -15.31 42.15 -15.54
CA ALA D 68 -16.75 42.27 -15.34
C ALA D 68 -17.46 42.37 -16.68
N PHE D 69 -18.40 41.45 -16.96
CA PHE D 69 -19.15 41.43 -18.22
C PHE D 69 -20.62 41.14 -17.94
N GLU D 70 -21.46 41.26 -18.98
CA GLU D 70 -22.91 41.03 -18.91
C GLU D 70 -23.37 40.22 -20.10
N ILE D 71 -24.30 39.29 -19.87
CA ILE D 71 -24.93 38.50 -20.93
C ILE D 71 -26.29 39.21 -21.22
N GLY D 72 -26.79 39.28 -22.46
CA GLY D 72 -26.30 38.64 -23.66
C GLY D 72 -27.32 37.69 -24.25
N SER D 73 -26.84 36.68 -24.98
CA SER D 73 -27.67 35.66 -25.60
C SER D 73 -26.83 34.47 -26.03
N VAL D 74 -26.90 33.35 -25.29
CA VAL D 74 -26.11 32.16 -25.60
C VAL D 74 -26.80 31.41 -26.72
N GLU D 75 -26.03 30.99 -27.74
CA GLU D 75 -26.54 30.21 -28.88
C GLU D 75 -25.70 28.96 -29.04
N VAL D 76 -26.36 27.78 -29.08
CA VAL D 76 -25.67 26.50 -29.21
C VAL D 76 -26.22 25.69 -30.39
N SER D 77 -25.33 25.31 -31.32
CA SER D 77 -25.66 24.47 -32.48
C SER D 77 -25.24 23.07 -32.10
N TYR D 78 -26.18 22.14 -32.07
CA TYR D 78 -25.90 20.78 -31.65
C TYR D 78 -26.41 19.76 -32.65
N SER D 79 -26.05 18.50 -32.43
CA SER D 79 -26.44 17.38 -33.26
C SER D 79 -26.96 16.24 -32.41
N HIS D 80 -27.93 15.48 -32.92
CA HIS D 80 -28.51 14.33 -32.23
C HIS D 80 -29.35 13.51 -33.20
N SER D 81 -29.13 12.18 -33.26
CA SER D 81 -29.88 11.25 -34.12
C SER D 81 -29.78 11.64 -35.62
N HIS D 82 -28.53 11.73 -36.13
CA HIS D 82 -28.16 12.04 -37.51
C HIS D 82 -28.61 13.45 -38.00
N GLU D 83 -28.99 14.40 -37.11
CA GLU D 83 -29.37 15.72 -37.63
C GLU D 83 -29.04 16.88 -36.69
N GLU D 84 -28.60 18.00 -37.29
CA GLU D 84 -28.17 19.23 -36.62
C GLU D 84 -29.35 20.16 -36.34
N SER D 85 -29.28 20.89 -35.20
CA SER D 85 -30.31 21.83 -34.76
C SER D 85 -29.71 22.91 -33.86
N GLN D 86 -30.33 24.11 -33.83
CA GLN D 86 -29.85 25.26 -33.05
C GLN D 86 -30.82 25.64 -31.94
N VAL D 87 -30.29 26.10 -30.78
CA VAL D 87 -31.08 26.56 -29.63
C VAL D 87 -30.49 27.86 -29.09
N SER D 88 -31.35 28.82 -28.69
CA SER D 88 -30.95 30.12 -28.14
C SER D 88 -31.53 30.34 -26.75
N MET D 89 -30.86 31.19 -25.96
CA MET D 89 -31.28 31.54 -24.60
C MET D 89 -31.16 33.04 -24.45
N THR D 90 -32.28 33.77 -24.37
CA THR D 90 -32.27 35.23 -24.29
C THR D 90 -31.80 35.72 -22.90
N GLU D 91 -31.67 37.04 -22.76
CA GLU D 91 -31.20 37.70 -21.54
C GLU D 91 -32.04 37.31 -20.32
N THR D 92 -33.36 37.53 -20.37
CA THR D 92 -34.24 37.19 -19.24
C THR D 92 -34.22 35.67 -18.92
N GLU D 93 -33.94 34.80 -19.93
CA GLU D 93 -33.88 33.35 -19.70
C GLU D 93 -32.63 32.93 -18.92
N VAL D 94 -31.44 33.45 -19.30
CA VAL D 94 -30.18 33.07 -18.63
C VAL D 94 -30.14 33.54 -17.16
N TYR D 95 -30.73 34.71 -16.83
CA TYR D 95 -30.69 35.25 -15.47
C TYR D 95 -31.83 34.74 -14.58
N GLU D 96 -33.04 34.55 -15.11
CA GLU D 96 -34.15 34.02 -14.31
C GLU D 96 -33.97 32.51 -14.17
N SER D 97 -33.84 32.00 -12.94
CA SER D 97 -33.66 30.56 -12.71
C SER D 97 -35.01 29.86 -12.47
N LYS D 98 -35.56 29.25 -13.53
CA LYS D 98 -36.84 28.54 -13.45
C LYS D 98 -36.64 27.10 -12.99
N VAL D 99 -37.64 26.54 -12.29
CA VAL D 99 -37.65 25.15 -11.84
C VAL D 99 -38.78 24.47 -12.59
N ILE D 100 -38.45 23.49 -13.44
CA ILE D 100 -39.42 22.79 -14.28
C ILE D 100 -39.63 21.39 -13.74
N GLU D 101 -40.90 20.94 -13.67
CA GLU D 101 -41.24 19.61 -13.21
C GLU D 101 -42.34 18.99 -14.04
N HIS D 102 -42.15 17.73 -14.44
CA HIS D 102 -43.19 16.99 -15.17
C HIS D 102 -42.96 15.50 -14.99
N THR D 103 -44.06 14.74 -14.97
CA THR D 103 -43.99 13.28 -14.84
C THR D 103 -43.63 12.68 -16.18
N ILE D 104 -43.01 11.51 -16.17
CA ILE D 104 -42.65 10.78 -17.38
C ILE D 104 -42.93 9.32 -17.13
N THR D 105 -43.70 8.68 -18.01
CA THR D 105 -44.01 7.27 -17.85
C THR D 105 -43.08 6.47 -18.74
N ILE D 106 -42.20 5.71 -18.13
CA ILE D 106 -41.20 4.95 -18.86
C ILE D 106 -41.80 3.56 -19.13
N PRO D 107 -41.86 3.13 -20.42
CA PRO D 107 -42.49 1.84 -20.73
C PRO D 107 -41.70 0.64 -20.21
N PRO D 108 -42.31 -0.55 -20.15
CA PRO D 108 -41.58 -1.71 -19.63
C PRO D 108 -40.46 -2.15 -20.56
N THR D 109 -39.36 -2.65 -19.97
CA THR D 109 -38.16 -3.12 -20.66
C THR D 109 -37.55 -1.99 -21.52
N SER D 110 -37.37 -0.80 -20.93
CA SER D 110 -36.81 0.35 -21.65
C SER D 110 -36.20 1.38 -20.68
N LYS D 111 -35.32 2.24 -21.21
CA LYS D 111 -34.53 3.21 -20.45
C LYS D 111 -34.85 4.61 -20.91
N PHE D 112 -35.01 5.54 -19.96
CA PHE D 112 -35.26 6.96 -20.24
C PHE D 112 -33.99 7.72 -19.89
N THR D 113 -33.26 8.24 -20.89
CA THR D 113 -32.06 9.05 -20.67
C THR D 113 -32.46 10.49 -20.91
N ARG D 114 -32.09 11.41 -20.00
CA ARG D 114 -32.38 12.84 -20.12
C ARG D 114 -31.07 13.58 -20.36
N TRP D 115 -30.80 13.93 -21.63
CA TRP D 115 -29.58 14.66 -21.98
C TRP D 115 -29.74 16.13 -21.56
N GLN D 116 -28.73 16.68 -20.89
CA GLN D 116 -28.73 18.04 -20.34
C GLN D 116 -27.64 18.88 -20.98
N LEU D 117 -28.01 20.00 -21.61
CA LEU D 117 -27.05 20.93 -22.22
C LEU D 117 -26.72 22.06 -21.23
N ASN D 118 -25.43 22.29 -21.01
CA ASN D 118 -24.92 23.37 -20.16
C ASN D 118 -23.90 24.18 -20.92
N ALA D 119 -23.80 25.47 -20.60
CA ALA D 119 -22.82 26.39 -21.21
C ALA D 119 -22.02 27.02 -20.09
N ASP D 120 -20.77 27.38 -20.37
CA ASP D 120 -19.88 27.99 -19.40
C ASP D 120 -19.33 29.29 -19.97
N VAL D 121 -20.02 30.41 -19.68
CA VAL D 121 -19.61 31.73 -20.16
C VAL D 121 -18.63 32.31 -19.14
N GLY D 122 -17.35 31.93 -19.26
CA GLY D 122 -16.27 32.39 -18.39
C GLY D 122 -16.56 32.24 -16.90
N GLY D 123 -16.93 31.03 -16.50
CA GLY D 123 -17.26 30.73 -15.12
C GLY D 123 -18.75 30.60 -14.87
N ALA D 124 -19.56 31.42 -15.58
CA ALA D 124 -21.02 31.40 -15.43
C ALA D 124 -21.60 30.10 -15.94
N ASP D 125 -21.89 29.17 -15.02
CA ASP D 125 -22.45 27.85 -15.36
C ASP D 125 -23.94 27.95 -15.58
N ILE D 126 -24.35 28.04 -16.86
CA ILE D 126 -25.75 28.12 -17.27
C ILE D 126 -26.29 26.71 -17.36
N GLU D 127 -27.17 26.32 -16.42
CA GLU D 127 -27.79 24.99 -16.40
C GLU D 127 -28.88 24.84 -17.42
N TYR D 128 -29.16 23.59 -17.81
CA TYR D 128 -30.23 23.19 -18.73
C TYR D 128 -30.57 24.27 -19.78
N MET D 129 -29.60 24.60 -20.64
CA MET D 129 -29.85 25.54 -21.73
C MET D 129 -30.86 24.94 -22.69
N TYR D 130 -30.83 23.61 -22.82
CA TYR D 130 -31.75 22.85 -23.64
C TYR D 130 -31.83 21.42 -23.09
N LEU D 131 -32.76 20.62 -23.60
CA LEU D 131 -33.02 19.27 -23.11
C LEU D 131 -33.44 18.33 -24.24
N ILE D 132 -32.84 17.13 -24.30
CA ILE D 132 -33.20 16.07 -25.27
C ILE D 132 -33.45 14.82 -24.47
N ASP D 133 -34.72 14.43 -24.26
CA ASP D 133 -34.99 13.23 -23.47
C ASP D 133 -35.52 12.10 -24.37
N GLU D 134 -34.75 10.97 -24.43
CA GLU D 134 -35.07 9.83 -25.28
C GLU D 134 -35.32 8.55 -24.50
N VAL D 135 -36.29 7.76 -24.97
CA VAL D 135 -36.63 6.45 -24.41
C VAL D 135 -36.10 5.42 -25.40
N THR D 136 -35.29 4.47 -24.91
CA THR D 136 -34.75 3.40 -25.75
C THR D 136 -35.03 2.06 -25.11
N PRO D 137 -35.30 1.04 -25.90
CA PRO D 137 -35.55 -0.29 -25.33
C PRO D 137 -34.28 -0.93 -24.82
N ILE D 138 -34.37 -1.89 -23.88
CA ILE D 138 -33.18 -2.63 -23.44
C ILE D 138 -33.08 -3.86 -24.41
N GLY D 139 -31.97 -4.07 -25.12
CA GLY D 139 -30.72 -3.32 -25.08
C GLY D 139 -30.46 -2.58 -26.38
N GLY D 140 -31.06 -1.41 -26.51
CA GLY D 140 -30.89 -0.54 -27.67
C GLY D 140 -29.75 0.44 -27.44
N THR D 141 -29.48 1.31 -28.42
CA THR D 141 -28.41 2.33 -28.31
C THR D 141 -28.99 3.70 -28.16
N GLN D 142 -28.33 4.55 -27.38
CA GLN D 142 -28.73 5.95 -27.19
C GLN D 142 -27.76 6.80 -28.00
N SER D 143 -28.27 7.76 -28.78
CA SER D 143 -27.41 8.67 -29.53
C SER D 143 -26.85 9.70 -28.58
N ILE D 144 -25.54 9.89 -28.59
CA ILE D 144 -24.92 10.89 -27.73
C ILE D 144 -25.03 12.25 -28.44
N PRO D 145 -25.70 13.25 -27.83
CA PRO D 145 -25.73 14.56 -28.48
C PRO D 145 -24.37 15.22 -28.40
N GLN D 146 -24.06 16.10 -29.34
CA GLN D 146 -22.78 16.78 -29.38
C GLN D 146 -22.96 18.24 -29.72
N VAL D 147 -22.10 19.10 -29.18
CA VAL D 147 -22.10 20.53 -29.46
C VAL D 147 -21.23 20.74 -30.69
N ILE D 148 -21.76 21.37 -31.74
CA ILE D 148 -20.99 21.64 -32.94
C ILE D 148 -20.47 23.10 -32.82
N THR D 149 -21.30 24.04 -32.32
CA THR D 149 -20.88 25.43 -32.11
C THR D 149 -21.56 26.01 -30.89
N SER D 150 -20.79 26.61 -29.97
CA SER D 150 -21.30 27.27 -28.76
C SER D 150 -20.70 28.68 -28.72
N ARG D 151 -21.53 29.71 -28.98
CA ARG D 151 -21.12 31.11 -29.01
C ARG D 151 -22.12 31.95 -28.22
N ALA D 152 -21.67 33.08 -27.65
CA ALA D 152 -22.55 33.93 -26.84
C ALA D 152 -22.23 35.40 -27.02
N LYS D 153 -23.28 36.25 -27.09
CA LYS D 153 -23.10 37.70 -27.18
C LYS D 153 -22.92 38.21 -25.75
N ILE D 154 -21.92 39.05 -25.48
CA ILE D 154 -21.70 39.60 -24.15
C ILE D 154 -21.40 41.08 -24.24
N ILE D 155 -21.85 41.83 -23.24
CA ILE D 155 -21.68 43.26 -23.15
C ILE D 155 -20.53 43.53 -22.20
N VAL D 156 -19.51 44.24 -22.70
CA VAL D 156 -18.31 44.55 -21.92
C VAL D 156 -18.02 46.03 -22.03
N GLY D 157 -17.16 46.50 -21.15
CA GLY D 157 -16.68 47.87 -21.18
C GLY D 157 -15.81 48.01 -22.40
N ARG D 158 -15.78 49.16 -23.08
CA ARG D 158 -14.90 49.32 -24.25
C ARG D 158 -13.42 49.15 -23.86
N GLN D 159 -12.66 48.37 -24.66
CA GLN D 159 -11.23 48.10 -24.43
C GLN D 159 -10.41 49.40 -24.47
N ILE D 160 -9.47 49.58 -23.52
CA ILE D 160 -8.59 50.76 -23.53
C ILE D 160 -7.22 50.32 -24.08
N ILE D 161 -6.95 50.80 -25.29
CA ILE D 161 -5.70 50.62 -26.03
C ILE D 161 -4.73 51.68 -25.53
N LEU D 162 -3.56 51.26 -25.02
CA LEU D 162 -2.57 52.18 -24.48
C LEU D 162 -1.99 53.02 -25.61
N GLY D 163 -2.10 54.35 -25.46
CA GLY D 163 -1.61 55.31 -26.44
C GLY D 163 -2.65 55.85 -27.41
N LYS D 164 -3.79 55.15 -27.59
CA LYS D 164 -4.85 55.56 -28.52
C LYS D 164 -6.11 56.02 -27.77
N THR D 165 -6.70 55.12 -26.97
CA THR D 165 -7.98 55.37 -26.28
C THR D 165 -7.95 56.56 -25.32
N GLU D 166 -8.79 57.57 -25.60
CA GLU D 166 -8.97 58.74 -24.74
C GLU D 166 -9.93 58.33 -23.62
N ILE D 167 -9.59 58.67 -22.36
CA ILE D 167 -10.39 58.31 -21.20
C ILE D 167 -10.57 59.49 -20.24
N ARG D 168 -11.44 59.29 -19.25
CA ARG D 168 -11.68 60.21 -18.14
C ARG D 168 -11.39 59.47 -16.85
N ILE D 169 -10.73 60.12 -15.88
CA ILE D 169 -10.38 59.50 -14.61
C ILE D 169 -11.29 60.10 -13.53
N LYS D 170 -12.31 59.34 -13.09
CA LYS D 170 -13.26 59.77 -12.08
C LYS D 170 -12.96 59.12 -10.73
N HIS D 171 -13.14 59.88 -9.64
CA HIS D 171 -12.93 59.38 -8.28
C HIS D 171 -14.08 58.44 -7.94
N ALA D 172 -13.79 57.31 -7.29
CA ALA D 172 -14.83 56.32 -6.96
C ALA D 172 -15.76 56.81 -5.85
N GLU D 173 -15.20 57.39 -4.78
CA GLU D 173 -15.98 57.85 -3.63
C GLU D 173 -16.69 59.19 -3.91
N ARG D 174 -15.94 60.23 -4.31
CA ARG D 174 -16.50 61.57 -4.54
C ARG D 174 -17.32 61.66 -5.86
N LYS D 175 -17.05 60.77 -6.85
CA LYS D 175 -17.75 60.75 -8.15
C LYS D 175 -17.55 62.08 -8.89
N GLU D 176 -16.27 62.47 -9.07
CA GLU D 176 -15.87 63.71 -9.76
C GLU D 176 -14.65 63.45 -10.64
N TYR D 177 -14.64 64.04 -11.85
CA TYR D 177 -13.57 63.86 -12.82
C TYR D 177 -12.31 64.63 -12.47
N MET D 178 -11.15 64.09 -12.87
CA MET D 178 -9.87 64.75 -12.65
C MET D 178 -9.69 65.84 -13.69
N THR D 179 -9.57 67.07 -13.21
CA THR D 179 -9.43 68.25 -14.05
C THR D 179 -8.03 68.87 -13.90
N VAL D 180 -7.55 69.64 -14.89
CA VAL D 180 -6.24 70.27 -14.89
C VAL D 180 -6.37 71.79 -14.74
N VAL D 181 -5.65 72.40 -13.78
CA VAL D 181 -5.67 73.84 -13.51
C VAL D 181 -4.25 74.30 -13.17
N SER D 182 -3.97 75.61 -13.30
CA SER D 182 -2.65 76.16 -12.96
C SER D 182 -2.60 76.40 -11.45
N ARG D 183 -1.52 75.91 -10.77
CA ARG D 183 -1.35 76.07 -9.32
C ARG D 183 -0.14 76.99 -9.01
N LYS D 184 1.08 76.53 -9.32
CA LYS D 184 2.32 77.29 -9.10
C LYS D 184 3.03 77.54 -10.45
N SER D 185 2.25 77.98 -11.45
CA SER D 185 2.67 78.37 -12.81
C SER D 185 2.83 77.21 -13.83
N TRP D 186 2.55 75.92 -13.46
CA TRP D 186 2.50 74.84 -14.45
C TRP D 186 1.15 74.10 -14.25
N PRO D 187 0.73 73.22 -15.18
CA PRO D 187 -0.57 72.55 -14.99
C PRO D 187 -0.54 71.56 -13.84
N ALA D 188 -1.58 71.58 -13.00
CA ALA D 188 -1.75 70.72 -11.83
C ALA D 188 -3.13 70.09 -11.81
N ALA D 189 -3.20 68.81 -11.37
CA ALA D 189 -4.47 68.10 -11.33
C ALA D 189 -5.33 68.53 -10.14
N THR D 190 -6.64 68.71 -10.37
CA THR D 190 -7.64 69.03 -9.35
C THR D 190 -8.87 68.17 -9.65
N LEU D 191 -9.95 68.30 -8.88
CA LEU D 191 -11.16 67.50 -9.05
C LEU D 191 -12.39 68.38 -9.27
N GLY D 192 -13.09 68.16 -10.39
CA GLY D 192 -14.28 68.91 -10.78
C GLY D 192 -15.31 68.05 -11.49
N HIS D 193 -16.33 68.70 -12.08
CA HIS D 193 -17.42 68.04 -12.80
C HIS D 193 -17.27 68.12 -14.33
N SER D 194 -16.23 68.78 -14.86
CA SER D 194 -16.05 68.95 -16.31
C SER D 194 -15.75 67.63 -17.03
N LYS D 195 -16.55 67.31 -18.07
CA LYS D 195 -16.38 66.12 -18.90
C LYS D 195 -15.45 66.42 -20.10
N LEU D 196 -15.10 67.70 -20.35
CA LEU D 196 -14.23 68.08 -21.47
C LEU D 196 -12.78 67.60 -21.28
N PHE D 197 -12.35 67.39 -20.03
CA PHE D 197 -10.96 67.05 -19.69
C PHE D 197 -10.74 65.54 -19.77
N LYS D 198 -9.99 65.12 -20.81
CA LYS D 198 -9.67 63.72 -21.11
C LYS D 198 -8.18 63.44 -20.88
N PHE D 199 -7.82 62.15 -20.86
CA PHE D 199 -6.44 61.67 -20.68
C PHE D 199 -6.19 60.49 -21.61
N VAL D 200 -4.94 60.01 -21.70
CA VAL D 200 -4.59 58.84 -22.50
C VAL D 200 -3.44 58.11 -21.77
N LEU D 201 -3.60 56.79 -21.51
CA LEU D 201 -2.63 55.99 -20.76
C LEU D 201 -1.57 55.34 -21.66
N TYR D 202 -0.34 55.20 -21.12
CA TYR D 202 0.80 54.56 -21.78
C TYR D 202 1.47 53.59 -20.82
N GLU D 203 2.32 52.69 -21.34
CA GLU D 203 3.09 51.77 -20.50
C GLU D 203 4.46 51.50 -21.12
N ASP D 204 5.53 51.74 -20.34
CA ASP D 204 6.92 51.52 -20.75
C ASP D 204 7.63 50.72 -19.64
N TRP D 205 8.95 50.48 -19.80
CA TRP D 205 9.73 49.71 -18.82
C TRP D 205 9.74 50.33 -17.41
N GLY D 206 9.54 51.64 -17.30
CA GLY D 206 9.46 52.31 -16.01
C GLY D 206 8.11 52.27 -15.35
N GLY D 207 7.05 52.05 -16.13
CA GLY D 207 5.68 51.95 -15.62
C GLY D 207 4.63 52.65 -16.48
N PHE D 208 3.45 52.88 -15.89
CA PHE D 208 2.33 53.55 -16.56
C PHE D 208 2.43 55.06 -16.45
N ARG D 209 1.90 55.80 -17.44
CA ARG D 209 1.90 57.26 -17.45
C ARG D 209 0.50 57.81 -17.72
N ILE D 210 0.17 58.98 -17.12
CA ILE D 210 -1.14 59.63 -17.27
C ILE D 210 -0.97 60.93 -18.08
N LYS D 211 -1.02 60.83 -19.43
CA LYS D 211 -0.89 62.01 -20.30
C LYS D 211 -2.22 62.75 -20.39
N THR D 212 -2.22 64.09 -20.22
CA THR D 212 -3.45 64.90 -20.36
C THR D 212 -3.49 65.48 -21.77
N LEU D 213 -4.70 65.53 -22.34
CA LEU D 213 -4.94 66.06 -23.67
C LEU D 213 -5.48 67.51 -23.61
N ASN D 214 -5.61 68.08 -22.39
CA ASN D 214 -6.10 69.44 -22.17
C ASN D 214 -5.06 70.23 -21.36
N THR D 215 -3.80 70.23 -21.84
CA THR D 215 -2.73 70.95 -21.17
C THR D 215 -2.86 72.46 -21.41
N MET D 216 -2.48 73.25 -20.39
CA MET D 216 -2.53 74.71 -20.44
C MET D 216 -1.26 75.24 -21.11
N TYR D 217 -0.11 74.69 -20.70
CA TYR D 217 1.22 75.01 -21.23
C TYR D 217 1.68 73.82 -22.06
N SER D 218 1.76 73.97 -23.41
CA SER D 218 2.11 72.89 -24.35
C SER D 218 3.45 72.22 -24.00
N GLY D 219 3.45 70.88 -24.04
CA GLY D 219 4.60 70.07 -23.71
C GLY D 219 4.51 69.42 -22.35
N TYR D 220 4.10 70.22 -21.33
CA TYR D 220 3.96 69.75 -19.95
C TYR D 220 2.64 68.98 -19.85
N GLU D 221 2.69 67.64 -20.05
CA GLU D 221 1.48 66.82 -20.13
C GLU D 221 1.48 65.49 -19.35
N TYR D 222 2.62 64.94 -18.90
CA TYR D 222 2.63 63.66 -18.16
C TYR D 222 2.53 63.91 -16.65
N ALA D 223 1.50 63.31 -15.99
CA ALA D 223 1.25 63.49 -14.55
C ALA D 223 2.39 62.97 -13.70
N TYR D 224 2.84 63.78 -12.72
CA TYR D 224 3.94 63.41 -11.83
C TYR D 224 3.70 63.90 -10.41
N SER D 225 4.40 63.27 -9.46
CA SER D 225 4.32 63.59 -8.03
C SER D 225 5.47 64.49 -7.63
N SER D 226 5.16 65.64 -7.03
CA SER D 226 6.18 66.58 -6.57
C SER D 226 6.66 66.19 -5.17
N ASP D 227 7.72 66.84 -4.68
CA ASP D 227 8.28 66.57 -3.35
C ASP D 227 7.27 66.99 -2.26
N GLN D 228 6.60 68.15 -2.47
CA GLN D 228 5.57 68.67 -1.57
C GLN D 228 4.33 67.73 -1.44
N GLY D 229 4.12 66.84 -2.40
CA GLY D 229 3.02 65.87 -2.39
C GLY D 229 2.03 66.03 -3.52
N GLY D 230 1.83 67.28 -3.97
CA GLY D 230 0.90 67.63 -5.04
C GLY D 230 1.17 67.00 -6.39
N ILE D 231 0.15 66.98 -7.24
CA ILE D 231 0.22 66.43 -8.59
C ILE D 231 0.38 67.57 -9.59
N TYR D 232 1.32 67.39 -10.52
CA TYR D 232 1.59 68.34 -11.61
C TYR D 232 1.82 67.56 -12.88
N PHE D 233 1.74 68.23 -14.04
CA PHE D 233 1.98 67.61 -15.35
C PHE D 233 3.29 68.15 -15.90
N ASP D 234 4.23 67.27 -16.28
CA ASP D 234 5.58 67.62 -16.76
C ASP D 234 5.85 66.99 -18.13
N GLN D 235 6.90 67.49 -18.83
CA GLN D 235 7.34 66.97 -20.13
C GLN D 235 7.82 65.52 -20.02
N GLY D 236 7.81 64.81 -21.15
CA GLY D 236 8.23 63.42 -21.24
C GLY D 236 9.67 63.20 -20.82
N THR D 237 9.87 62.38 -19.78
CA THR D 237 11.19 62.05 -19.22
C THR D 237 11.21 60.62 -18.70
N ASP D 238 12.42 60.08 -18.45
CA ASP D 238 12.59 58.75 -17.88
C ASP D 238 12.34 58.75 -16.35
N ASN D 239 12.28 59.96 -15.73
CA ASN D 239 12.04 60.19 -14.30
C ASN D 239 10.92 59.28 -13.75
N PRO D 240 11.20 58.42 -12.73
CA PRO D 240 10.13 57.55 -12.19
C PRO D 240 9.04 58.31 -11.41
N LYS D 241 9.24 59.60 -11.08
CA LYS D 241 8.21 60.41 -10.42
C LYS D 241 6.99 60.58 -11.33
N GLN D 242 7.16 60.59 -12.68
CA GLN D 242 6.02 60.70 -13.60
C GLN D 242 5.48 59.30 -14.01
N ARG D 243 6.16 58.20 -13.60
CA ARG D 243 5.73 56.83 -13.85
C ARG D 243 4.77 56.40 -12.74
N TRP D 244 3.88 55.44 -13.02
CA TRP D 244 2.86 54.95 -12.07
C TRP D 244 2.67 53.44 -12.16
N ALA D 245 2.04 52.86 -11.13
CA ALA D 245 1.76 51.43 -11.03
C ALA D 245 0.26 51.20 -10.86
N ILE D 246 -0.35 50.43 -11.77
CA ILE D 246 -1.79 50.15 -11.76
C ILE D 246 -2.02 48.73 -11.23
N ASN D 247 -2.80 48.59 -10.15
CA ASN D 247 -3.13 47.31 -9.49
C ASN D 247 -3.71 46.25 -10.44
N LYS D 248 -4.60 46.65 -11.36
CA LYS D 248 -5.23 45.70 -12.28
C LYS D 248 -4.27 45.30 -13.41
N SER D 249 -4.27 44.00 -13.77
CA SER D 249 -3.42 43.48 -14.85
C SER D 249 -3.93 43.91 -16.21
N LEU D 250 -3.09 43.85 -17.24
CA LEU D 250 -3.49 44.20 -18.61
C LEU D 250 -4.30 43.05 -19.24
N PRO D 251 -5.17 43.33 -20.23
CA PRO D 251 -5.51 44.65 -20.79
C PRO D 251 -6.53 45.39 -19.94
N LEU D 252 -6.36 46.71 -19.76
CA LEU D 252 -7.30 47.52 -18.98
C LEU D 252 -8.61 47.66 -19.76
N ARG D 253 -9.73 47.89 -19.07
CA ARG D 253 -11.04 48.03 -19.73
C ARG D 253 -11.85 49.16 -19.13
N HIS D 254 -12.94 49.54 -19.82
CA HIS D 254 -13.83 50.63 -19.41
C HIS D 254 -14.52 50.29 -18.10
N GLY D 255 -14.67 51.30 -17.23
CA GLY D 255 -15.29 51.14 -15.93
C GLY D 255 -14.50 50.35 -14.90
N ASP D 256 -13.19 50.13 -15.14
CA ASP D 256 -12.34 49.40 -14.19
C ASP D 256 -11.97 50.29 -13.02
N VAL D 257 -12.18 49.81 -11.78
CA VAL D 257 -11.83 50.57 -10.59
C VAL D 257 -10.36 50.27 -10.30
N VAL D 258 -9.47 51.24 -10.55
CA VAL D 258 -8.03 51.10 -10.40
C VAL D 258 -7.45 52.05 -9.35
N THR D 259 -6.18 51.83 -9.00
CA THR D 259 -5.42 52.62 -8.04
C THR D 259 -4.04 52.92 -8.61
N PHE D 260 -3.60 54.19 -8.56
CA PHE D 260 -2.30 54.59 -9.10
C PHE D 260 -1.26 54.81 -8.00
N MET D 261 -0.24 53.92 -7.93
CA MET D 261 0.85 54.02 -6.97
C MET D 261 2.10 54.54 -7.68
N ASN D 262 2.71 55.62 -7.15
CA ASN D 262 3.90 56.23 -7.76
C ASN D 262 5.09 55.27 -7.71
N LYS D 263 5.89 55.21 -8.79
CA LYS D 263 7.04 54.31 -8.87
C LYS D 263 8.22 54.84 -8.07
N TYR D 264 8.43 56.17 -8.00
CA TYR D 264 9.52 56.73 -7.19
C TYR D 264 9.15 56.63 -5.71
N PHE D 265 8.00 57.20 -5.34
CA PHE D 265 7.46 57.14 -3.98
C PHE D 265 6.57 55.88 -3.87
N THR D 266 7.20 54.71 -3.66
CA THR D 266 6.54 53.39 -3.62
C THR D 266 5.29 53.34 -2.71
N ARG D 267 5.42 53.72 -1.43
CA ARG D 267 4.28 53.71 -0.47
C ARG D 267 3.19 54.73 -0.85
N SER D 268 3.60 55.89 -1.39
CA SER D 268 2.69 56.97 -1.76
C SER D 268 1.87 56.63 -3.01
N GLY D 269 0.58 56.97 -3.00
CA GLY D 269 -0.34 56.72 -4.11
C GLY D 269 -1.30 57.86 -4.35
N LEU D 270 -1.81 57.94 -5.60
CA LEU D 270 -2.73 59.01 -6.05
C LEU D 270 -4.01 59.00 -5.22
N CYS D 271 -4.39 60.17 -4.66
CA CYS D 271 -5.58 60.28 -3.81
C CYS D 271 -6.12 61.72 -3.77
N TYR D 272 -7.26 61.89 -3.07
CA TYR D 272 -7.89 63.18 -2.86
C TYR D 272 -7.46 63.75 -1.52
N ASP D 273 -7.07 65.03 -1.47
CA ASP D 273 -6.71 65.70 -0.23
C ASP D 273 -6.79 67.22 -0.45
N ASP D 274 -7.86 67.85 0.05
CA ASP D 274 -8.11 69.30 -0.13
C ASP D 274 -6.94 70.15 0.40
N GLY D 275 -6.07 70.57 -0.51
CA GLY D 275 -4.91 71.41 -0.21
C GLY D 275 -5.23 72.89 -0.35
N PRO D 276 -4.22 73.76 -0.55
CA PRO D 276 -4.52 75.19 -0.68
C PRO D 276 -5.30 75.56 -1.93
N ALA D 277 -4.83 75.13 -3.12
CA ALA D 277 -5.49 75.42 -4.41
C ALA D 277 -6.14 74.17 -5.00
N THR D 278 -5.33 73.11 -5.22
CA THR D 278 -5.80 71.86 -5.81
C THR D 278 -6.25 70.88 -4.72
N ASN D 279 -6.82 69.73 -5.13
CA ASN D 279 -7.30 68.69 -4.21
C ASN D 279 -6.93 67.25 -4.66
N VAL D 280 -6.09 67.06 -5.72
CA VAL D 280 -5.63 65.75 -6.17
C VAL D 280 -4.15 65.68 -5.78
N TYR D 281 -3.82 64.81 -4.82
CA TYR D 281 -2.47 64.69 -4.24
C TYR D 281 -2.00 63.24 -4.20
N CYS D 282 -0.67 63.05 -4.11
CA CYS D 282 -0.03 61.75 -3.97
C CYS D 282 0.59 61.70 -2.57
N LEU D 283 -0.08 61.02 -1.60
CA LEU D 283 0.36 60.98 -0.20
C LEU D 283 0.70 59.57 0.28
N ASP D 284 1.62 59.49 1.27
CA ASP D 284 2.13 58.24 1.87
C ASP D 284 1.01 57.40 2.49
N LYS D 285 1.07 56.06 2.28
CA LYS D 285 0.12 55.07 2.79
C LYS D 285 -1.36 55.33 2.37
N ARG D 286 -1.58 56.08 1.26
CA ARG D 286 -2.92 56.38 0.75
C ARG D 286 -3.05 55.91 -0.69
N GLU D 287 -4.16 55.20 -0.97
CA GLU D 287 -4.43 54.60 -2.26
C GLU D 287 -5.95 54.67 -2.55
N ASP D 288 -6.46 55.87 -2.94
CA ASP D 288 -7.89 56.03 -3.25
C ASP D 288 -8.22 55.36 -4.57
N LYS D 289 -9.48 54.93 -4.71
CA LYS D 289 -9.95 54.23 -5.91
C LYS D 289 -10.35 55.23 -7.01
N TRP D 290 -9.94 54.93 -8.26
CA TRP D 290 -10.21 55.74 -9.45
C TRP D 290 -10.84 54.87 -10.53
N ILE D 291 -11.89 55.37 -11.21
CA ILE D 291 -12.57 54.60 -12.26
C ILE D 291 -12.12 55.09 -13.63
N LEU D 292 -11.74 54.14 -14.51
CA LEU D 292 -11.35 54.43 -15.88
C LEU D 292 -12.61 54.48 -16.73
N GLU D 293 -12.89 55.62 -17.37
CA GLU D 293 -14.08 55.80 -18.19
C GLU D 293 -13.71 56.16 -19.62
N VAL D 294 -14.00 55.26 -20.58
CA VAL D 294 -13.71 55.46 -22.01
C VAL D 294 -14.67 56.50 -22.58
N VAL D 295 -14.18 57.36 -23.50
CA VAL D 295 -15.00 58.42 -24.12
C VAL D 295 -15.51 57.98 -25.50
C1 GOL E . 6.10 -14.70 24.95
O1 GOL E . 7.50 -14.41 24.84
C2 GOL E . 5.90 -15.95 25.80
O2 GOL E . 6.57 -17.05 25.20
C3 GOL E . 4.40 -16.26 25.91
O3 GOL E . 4.20 -17.43 26.72
S SO4 F . -10.65 3.49 -11.55
O1 SO4 F . -11.35 4.74 -12.34
O2 SO4 F . -10.48 2.38 -12.48
O3 SO4 F . -9.50 4.01 -10.83
O4 SO4 F . -11.76 3.06 -10.44
NA NA G . -11.34 1.12 -24.55
S SO4 H . -10.43 0.34 -31.91
O1 SO4 H . -10.99 1.87 -31.81
O2 SO4 H . -10.39 -0.06 -33.31
O3 SO4 H . -9.23 0.26 -31.09
O4 SO4 H . -11.59 -0.54 -31.17
CL CL I . -2.39 -12.62 31.96
MG MG J . -7.73 -1.19 -29.93
NA NA K . -10.22 -2.65 -42.77
NA NA L . -15.35 5.46 -13.34
NA NA M . -3.40 -22.62 2.58
O1 MES N . -8.99 -4.45 -1.83
C2 MES N . -9.33 -4.63 -3.22
C3 MES N . -8.05 -4.95 -4.01
N4 MES N . -7.44 -6.18 -3.47
C5 MES N . -7.17 -6.01 -2.05
C6 MES N . -8.48 -5.68 -1.33
C7 MES N . -6.21 -6.48 -4.23
C8 MES N . -4.99 -6.54 -3.31
S MES N . -3.47 -6.90 -4.23
O1S MES N . -2.34 -6.93 -3.32
O2S MES N . -3.25 -5.84 -5.22
O3S MES N . -3.60 -8.18 -4.89
S SO4 O . 6.39 4.09 26.74
O1 SO4 O . 6.10 5.44 25.86
O2 SO4 O . 7.26 3.20 25.99
O3 SO4 O . 6.78 4.51 28.08
O4 SO4 O . 4.92 3.41 26.85
S SO4 P . -3.53 18.37 13.25
O1 SO4 P . -3.50 19.78 14.09
O2 SO4 P . -3.06 18.63 11.90
O3 SO4 P . -2.88 17.37 14.08
O4 SO4 P . -5.11 18.01 13.17
MG MG Q . 7.16 4.72 30.31
MG MG R . 1.78 7.97 15.77
S SO4 S . -19.85 39.39 24.92
O1 SO4 S . -18.68 40.48 25.21
O2 SO4 S . -19.87 39.05 23.50
O3 SO4 S . -19.74 38.33 25.90
O4 SO4 S . -21.24 40.20 25.23
NA NA T . 12.59 -5.47 18.95
O1 MES U . 2.35 14.95 25.21
C2 MES U . 3.25 14.10 24.52
C3 MES U . 2.57 13.50 23.29
N4 MES U . 2.17 14.61 22.41
C5 MES U . 1.29 15.53 23.14
C6 MES U . 2.04 16.05 24.36
C7 MES U . 1.50 14.06 21.22
C8 MES U . 0.05 14.59 21.12
S MES U . -0.76 13.89 19.66
O1S MES U . -2.13 14.39 19.58
O2S MES U . -0.79 12.43 19.80
O3S MES U . -0.01 14.26 18.48
C1 GOL V . 35.38 -22.37 -10.22
O1 GOL V . 36.60 -22.00 -9.58
C2 GOL V . 35.54 -23.68 -11.02
O2 GOL V . 36.56 -23.55 -12.03
C3 GOL V . 34.21 -24.05 -11.69
O3 GOL V . 34.33 -25.27 -12.45
MG MG W . 13.41 -51.05 5.89
MG MG X . 35.57 -25.92 -19.97
S SO4 Y . -30.90 10.76 -10.11
O1 SO4 Y . -29.51 11.38 -9.51
O2 SO4 Y . -31.93 11.79 -10.06
O3 SO4 Y . -30.58 10.14 -11.37
O4 SO4 Y . -31.30 9.59 -9.04
MG MG Z . -29.76 8.99 -12.94
NA NA AA . -45.55 21.59 -16.00
O1 MES BA . -10.16 44.62 -16.69
C2 MES BA . -9.30 43.73 -17.39
C3 MES BA . -8.28 43.11 -16.43
N4 MES BA . -9.00 42.35 -15.39
C5 MES BA . -9.96 43.24 -14.70
C6 MES BA . -10.91 43.86 -15.73
C7 MES BA . -8.05 41.73 -14.44
C8 MES BA . -8.32 42.13 -12.99
S MES BA . -7.12 41.35 -11.88
O1S MES BA . -6.20 40.54 -12.65
O2S MES BA . -7.83 40.51 -10.93
O3S MES BA . -6.39 42.38 -11.16
#